data_4A5Z
#
_entry.id   4A5Z
#
_cell.length_a   50.020
_cell.length_b   109.410
_cell.length_c   74.460
_cell.angle_alpha   90.00
_cell.angle_beta   100.55
_cell.angle_gamma   90.00
#
_symmetry.space_group_name_H-M   'P 1 21 1'
#
loop_
_entity.id
_entity.type
_entity.pdbx_description
1 polymer 'MIT DOMAIN-CONTAINING PROTEIN 1'
2 non-polymer 'DIMETHYL SULFOXIDE'
3 non-polymer 'CHLORIDE ION'
4 water water
#
_entity_poly.entity_id   1
_entity_poly.type   'polypeptide(L)'
_entity_poly.pdbx_seq_one_letter_code
;(MSE)AHHHHHH(MSE)DQIKIEENATGFSYESLFREYLNETVTEVWIEDPYIRHTHQLYNFLRFCE(MSE)LIKRPCKV
KTIHLLTSLDEGIEQVQQSRGLQEIEESLRSHGVLLEVQYSSSIHDREIRFNNGW(MSE)IKIGRGLDYFKKPQSRFSLG
YCDFDLRPCHETTVDIFHD
;
_entity_poly.pdbx_strand_id   A,B,C,D
#
loop_
_chem_comp.id
_chem_comp.type
_chem_comp.name
_chem_comp.formula
CL non-polymer 'CHLORIDE ION' 'Cl -1'
DMS non-polymer 'DIMETHYL SULFOXIDE' 'C2 H6 O S'
#
# COMPACT_ATOMS: atom_id res chain seq x y z
N HIS A 7 -5.74 21.18 31.23
CA HIS A 7 -6.86 20.74 30.38
C HIS A 7 -6.75 19.27 30.04
N HIS A 8 -7.81 18.49 30.29
CA HIS A 8 -7.88 17.08 29.93
C HIS A 8 -8.29 17.05 28.46
N MSE A 9 -7.42 16.50 27.61
CA MSE A 9 -7.57 16.54 26.15
C MSE A 9 -8.15 15.30 25.52
O MSE A 9 -8.85 15.42 24.53
CB MSE A 9 -6.20 16.84 25.50
CG MSE A 9 -5.57 18.11 26.00
SE MSE A 9 -6.60 19.65 25.44
CE MSE A 9 -5.96 20.81 26.45
N ASP A 10 -7.79 14.12 26.03
CA ASP A 10 -8.18 12.86 25.43
C ASP A 10 -7.94 11.71 26.41
N GLN A 11 -8.65 10.58 26.17
CA GLN A 11 -8.48 9.35 26.91
C GLN A 11 -8.38 8.23 25.92
N ILE A 12 -7.24 7.53 25.95
CA ILE A 12 -6.95 6.38 25.08
C ILE A 12 -6.99 5.12 25.96
N LYS A 13 -7.87 4.18 25.57
CA LYS A 13 -7.99 2.91 26.27
C LYS A 13 -7.13 1.89 25.55
N ILE A 14 -6.12 1.34 26.24
CA ILE A 14 -5.31 0.27 25.68
C ILE A 14 -5.96 -1.02 26.20
N GLU A 15 -6.60 -1.78 25.30
CA GLU A 15 -7.28 -3.02 25.65
C GLU A 15 -6.28 -4.13 25.92
N GLU A 16 -6.70 -5.15 26.66
CA GLU A 16 -5.89 -6.32 26.98
C GLU A 16 -5.50 -7.01 25.66
N ASN A 17 -4.18 -7.28 25.48
CA ASN A 17 -3.62 -7.95 24.30
C ASN A 17 -3.55 -7.11 23.03
N ALA A 18 -3.92 -5.81 23.10
CA ALA A 18 -3.83 -4.87 21.99
C ALA A 18 -2.37 -4.66 21.60
N THR A 19 -2.13 -4.44 20.31
CA THR A 19 -0.83 -4.17 19.70
C THR A 19 -0.86 -2.80 19.02
N GLY A 20 0.27 -2.37 18.47
CA GLY A 20 0.42 -1.07 17.83
C GLY A 20 0.74 0.02 18.84
N PHE A 21 1.19 -0.37 20.06
CA PHE A 21 1.51 0.59 21.13
C PHE A 21 2.98 0.77 21.52
N SER A 22 3.90 0.79 20.55
CA SER A 22 5.29 1.13 20.91
C SER A 22 5.26 2.62 21.38
N TYR A 23 6.27 3.08 22.10
CA TYR A 23 6.36 4.48 22.51
C TYR A 23 6.34 5.41 21.30
N GLU A 24 6.95 4.99 20.19
CA GLU A 24 6.98 5.78 18.96
C GLU A 24 5.56 6.03 18.46
N SER A 25 4.72 4.97 18.45
CA SER A 25 3.30 5.08 18.05
C SER A 25 2.48 5.90 19.05
N LEU A 26 2.64 5.60 20.36
CA LEU A 26 1.89 6.27 21.42
C LEU A 26 2.19 7.78 21.55
N PHE A 27 3.47 8.18 21.48
CA PHE A 27 3.88 9.57 21.67
C PHE A 27 3.93 10.48 20.44
N ARG A 28 3.76 9.88 19.24
CA ARG A 28 3.81 10.49 17.90
C ARG A 28 3.11 11.86 17.77
N GLU A 29 1.80 11.93 18.12
CA GLU A 29 0.96 13.11 18.02
C GLU A 29 1.38 14.29 18.90
N TYR A 30 2.17 14.05 19.98
CA TYR A 30 2.53 15.08 20.96
C TYR A 30 3.96 15.50 20.89
N LEU A 31 4.73 14.81 20.09
CA LEU A 31 6.14 15.03 19.95
C LEU A 31 6.44 15.58 18.58
N ASN A 32 7.17 16.70 18.53
CA ASN A 32 7.62 17.33 17.29
C ASN A 32 8.99 18.00 17.50
N GLU A 33 9.56 18.65 16.47
CA GLU A 33 10.89 19.28 16.48
C GLU A 33 11.05 20.38 17.55
N THR A 34 9.92 20.98 17.99
CA THR A 34 9.92 22.05 18.99
C THR A 34 10.24 21.57 20.41
N VAL A 35 10.04 20.27 20.70
CA VAL A 35 10.30 19.68 22.03
C VAL A 35 11.82 19.60 22.30
N THR A 36 12.28 20.29 23.37
CA THR A 36 13.70 20.36 23.75
C THR A 36 13.93 19.83 25.17
N GLU A 37 12.86 19.70 25.95
CA GLU A 37 12.91 19.24 27.33
C GLU A 37 11.76 18.31 27.67
N VAL A 38 12.08 17.22 28.39
CA VAL A 38 11.14 16.18 28.78
C VAL A 38 11.29 15.86 30.28
N TRP A 39 10.16 15.66 30.97
CA TRP A 39 10.07 15.24 32.38
C TRP A 39 9.29 13.94 32.42
N ILE A 40 9.82 12.97 33.16
CA ILE A 40 9.16 11.68 33.37
C ILE A 40 9.11 11.30 34.86
N GLU A 41 7.89 11.13 35.40
CA GLU A 41 7.67 10.65 36.77
C GLU A 41 7.13 9.26 36.66
N ASP A 42 7.87 8.31 37.20
CA ASP A 42 7.47 6.90 37.15
C ASP A 42 8.13 6.19 38.34
N PRO A 43 7.35 5.74 39.33
CA PRO A 43 7.97 5.03 40.47
C PRO A 43 8.56 3.66 40.15
N TYR A 44 8.32 3.09 38.95
CA TYR A 44 8.80 1.73 38.61
C TYR A 44 9.73 1.63 37.42
N ILE A 45 11.01 2.04 37.62
CA ILE A 45 12.12 1.92 36.66
C ILE A 45 13.21 1.24 37.48
N ARG A 46 13.06 -0.08 37.74
CA ARG A 46 13.95 -0.87 38.59
C ARG A 46 14.35 -2.22 38.01
N HIS A 47 13.38 -3.00 37.47
CA HIS A 47 13.61 -4.32 36.85
C HIS A 47 14.24 -4.13 35.45
N THR A 48 14.94 -5.17 34.94
CA THR A 48 15.60 -5.17 33.63
C THR A 48 14.71 -4.60 32.51
N HIS A 49 13.48 -5.12 32.39
CA HIS A 49 12.54 -4.74 31.34
C HIS A 49 12.09 -3.27 31.49
N GLN A 50 11.97 -2.77 32.73
CA GLN A 50 11.62 -1.38 33.06
C GLN A 50 12.79 -0.43 32.72
N LEU A 51 14.05 -0.88 32.97
CA LEU A 51 15.24 -0.13 32.60
C LEU A 51 15.39 0.00 31.08
N TYR A 52 15.06 -1.08 30.33
CA TYR A 52 15.06 -1.13 28.86
C TYR A 52 13.92 -0.32 28.25
N ASN A 53 12.75 -0.27 28.93
CA ASN A 53 11.59 0.55 28.55
C ASN A 53 12.00 2.03 28.56
N PHE A 54 12.70 2.47 29.62
CA PHE A 54 13.18 3.86 29.78
C PHE A 54 14.20 4.19 28.67
N LEU A 55 15.14 3.24 28.40
CA LEU A 55 16.13 3.37 27.34
C LEU A 55 15.44 3.57 25.95
N ARG A 56 14.43 2.75 25.64
CA ARG A 56 13.68 2.86 24.38
C ARG A 56 12.89 4.19 24.32
N PHE A 57 12.43 4.68 25.46
CA PHE A 57 11.76 5.96 25.54
C PHE A 57 12.77 7.10 25.19
N CYS A 58 14.01 7.00 25.69
CA CYS A 58 15.11 7.95 25.45
C CYS A 58 15.62 7.87 24.02
N GLU A 59 15.69 6.65 23.44
CA GLU A 59 16.06 6.40 22.04
C GLU A 59 15.11 7.15 21.09
N MSE A 60 13.80 7.07 21.37
CA MSE A 60 12.77 7.74 20.60
C MSE A 60 12.93 9.29 20.65
O MSE A 60 12.76 9.95 19.63
CB MSE A 60 11.38 7.33 21.08
CG MSE A 60 10.26 8.19 20.50
SE MSE A 60 8.68 8.11 21.58
CE MSE A 60 9.19 9.12 23.14
N LEU A 61 13.23 9.83 21.83
CA LEU A 61 13.37 11.27 22.03
C LEU A 61 14.60 11.86 21.31
N ILE A 62 15.68 11.07 21.19
CA ILE A 62 16.90 11.60 20.58
C ILE A 62 17.02 11.36 19.09
N LYS A 63 16.39 10.26 18.58
CA LYS A 63 16.46 9.92 17.14
C LYS A 63 15.87 11.01 16.21
N CYS A 66 13.63 15.23 16.09
CA CYS A 66 13.61 15.16 17.56
C CYS A 66 14.79 15.95 18.15
N LYS A 67 14.53 17.06 18.91
CA LYS A 67 15.62 17.91 19.43
C LYS A 67 15.75 18.06 20.97
N VAL A 68 15.52 16.96 21.70
CA VAL A 68 15.58 16.90 23.16
C VAL A 68 17.01 16.99 23.68
N LYS A 69 17.26 17.96 24.54
CA LYS A 69 18.57 18.17 25.10
C LYS A 69 18.60 17.87 26.60
N THR A 70 17.42 17.82 27.25
CA THR A 70 17.28 17.59 28.67
C THR A 70 16.12 16.66 28.97
N ILE A 71 16.42 15.58 29.72
CA ILE A 71 15.45 14.60 30.20
C ILE A 71 15.58 14.56 31.73
N HIS A 72 14.46 14.69 32.43
CA HIS A 72 14.44 14.59 33.89
C HIS A 72 13.65 13.33 34.25
N LEU A 73 14.24 12.47 35.07
CA LEU A 73 13.56 11.28 35.55
C LEU A 73 13.42 11.35 37.06
N LEU A 74 12.17 11.22 37.55
CA LEU A 74 11.85 11.10 38.96
C LEU A 74 11.32 9.65 39.17
N THR A 75 12.05 8.84 39.91
CA THR A 75 11.74 7.43 40.19
C THR A 75 12.07 7.10 41.65
N SER A 76 11.80 5.86 42.05
CA SER A 76 12.09 5.29 43.35
C SER A 76 13.33 4.42 43.22
N LEU A 77 14.22 4.54 44.20
CA LEU A 77 15.44 3.74 44.25
C LEU A 77 15.06 2.36 44.79
N ASP A 78 15.59 1.30 44.18
CA ASP A 78 15.29 -0.05 44.65
C ASP A 78 16.03 -0.37 45.94
N GLU A 79 15.30 -0.92 46.90
CA GLU A 79 15.83 -1.21 48.22
C GLU A 79 16.45 -2.59 48.30
N GLY A 80 16.09 -3.45 47.37
CA GLY A 80 16.55 -4.83 47.34
C GLY A 80 17.56 -5.18 46.28
N ILE A 81 17.47 -6.42 45.78
CA ILE A 81 18.34 -7.04 44.77
C ILE A 81 18.50 -6.25 43.44
N GLU A 82 17.42 -5.56 42.98
CA GLU A 82 17.40 -4.75 41.76
C GLU A 82 18.22 -3.47 41.85
N GLN A 83 18.63 -3.06 43.04
CA GLN A 83 19.38 -1.81 43.26
C GLN A 83 20.66 -1.65 42.41
N VAL A 84 21.46 -2.73 42.30
CA VAL A 84 22.73 -2.76 41.56
C VAL A 84 22.52 -2.53 40.06
N GLN A 85 21.61 -3.32 39.41
CA GLN A 85 21.34 -3.09 37.98
C GLN A 85 20.63 -1.75 37.74
N GLN A 86 19.71 -1.35 38.61
CA GLN A 86 19.01 -0.08 38.50
C GLN A 86 20.04 1.08 38.43
N SER A 87 21.01 1.10 39.38
CA SER A 87 22.07 2.12 39.46
C SER A 87 23.01 2.10 38.28
N ARG A 88 23.50 0.89 37.89
CA ARG A 88 24.36 0.66 36.76
C ARG A 88 23.65 1.04 35.45
N GLY A 89 22.39 0.63 35.34
CA GLY A 89 21.55 0.91 34.18
C GLY A 89 21.28 2.37 33.95
N LEU A 90 20.80 3.05 34.97
CA LEU A 90 20.53 4.49 34.90
C LEU A 90 21.77 5.35 34.66
N GLN A 91 22.93 4.96 35.22
CA GLN A 91 24.22 5.67 35.00
C GLN A 91 24.71 5.44 33.57
N GLU A 92 24.53 4.19 33.04
CA GLU A 92 24.91 3.86 31.67
C GLU A 92 24.05 4.64 30.67
N ILE A 93 22.72 4.75 30.93
CA ILE A 93 21.79 5.52 30.08
C ILE A 93 22.21 7.01 30.08
N GLU A 94 22.51 7.56 31.26
CA GLU A 94 22.97 8.93 31.45
C GLU A 94 24.29 9.22 30.68
N GLU A 95 25.27 8.30 30.72
CA GLU A 95 26.56 8.42 30.03
C GLU A 95 26.40 8.32 28.50
N SER A 96 25.51 7.44 28.03
CA SER A 96 25.23 7.27 26.61
C SER A 96 24.52 8.54 26.10
N LEU A 97 23.58 9.10 26.87
CA LEU A 97 22.89 10.35 26.53
C LEU A 97 23.89 11.52 26.50
N ARG A 98 24.81 11.59 27.49
CA ARG A 98 25.85 12.61 27.58
C ARG A 98 26.68 12.65 26.28
N SER A 99 27.06 11.46 25.79
CA SER A 99 27.77 11.22 24.54
C SER A 99 26.96 11.76 23.31
N HIS A 100 25.63 11.84 23.42
CA HIS A 100 24.74 12.39 22.39
C HIS A 100 24.42 13.88 22.61
N GLY A 101 25.08 14.52 23.59
CA GLY A 101 24.88 15.92 23.93
C GLY A 101 23.57 16.16 24.68
N VAL A 102 23.04 15.09 25.29
CA VAL A 102 21.80 15.13 26.05
C VAL A 102 22.04 14.97 27.56
N LEU A 103 21.45 15.88 28.33
CA LEU A 103 21.53 15.83 29.78
C LEU A 103 20.38 15.00 30.38
N LEU A 104 20.72 13.92 31.11
CA LEU A 104 19.74 13.13 31.86
C LEU A 104 19.95 13.44 33.33
N GLU A 105 18.88 13.87 34.00
CA GLU A 105 18.91 14.19 35.41
C GLU A 105 17.98 13.22 36.12
N VAL A 106 18.56 12.38 36.99
CA VAL A 106 17.81 11.40 37.75
C VAL A 106 17.66 11.83 39.20
N GLN A 107 16.41 11.84 39.67
CA GLN A 107 16.09 12.13 41.08
C GLN A 107 15.29 10.97 41.65
N TYR A 108 15.53 10.67 42.92
CA TYR A 108 14.88 9.56 43.60
C TYR A 108 14.00 9.99 44.71
N SER A 109 12.88 9.27 44.90
CA SER A 109 11.94 9.49 46.01
C SER A 109 11.18 8.21 46.31
N SER A 110 11.14 7.84 47.59
CA SER A 110 10.39 6.67 48.06
C SER A 110 8.90 7.02 48.24
N SER A 111 8.56 8.33 48.23
CA SER A 111 7.21 8.85 48.42
C SER A 111 6.50 9.27 47.10
N ILE A 112 6.90 8.70 45.95
CA ILE A 112 6.22 9.04 44.68
C ILE A 112 5.21 7.99 44.27
N HIS A 113 4.05 8.44 43.78
CA HIS A 113 2.93 7.58 43.40
C HIS A 113 2.43 7.85 41.99
N ASP A 114 2.58 9.09 41.51
CA ASP A 114 2.11 9.53 40.18
C ASP A 114 2.95 9.02 39.02
N ARG A 115 2.29 8.82 37.87
CA ARG A 115 2.89 8.38 36.59
C ARG A 115 2.54 9.43 35.58
N GLU A 116 3.54 10.24 35.18
CA GLU A 116 3.32 11.41 34.35
C GLU A 116 4.52 11.69 33.44
N ILE A 117 4.24 11.94 32.16
CA ILE A 117 5.25 12.31 31.15
C ILE A 117 4.85 13.70 30.64
N ARG A 118 5.81 14.63 30.64
CA ARG A 118 5.61 16.02 30.26
C ARG A 118 6.60 16.45 29.20
N PHE A 119 6.10 17.08 28.12
CA PHE A 119 6.94 17.65 27.06
C PHE A 119 6.87 19.16 27.19
N ASN A 120 7.97 19.88 26.89
CA ASN A 120 7.98 21.34 27.01
C ASN A 120 7.16 22.12 25.98
N ASN A 121 6.41 21.41 25.10
CA ASN A 121 5.48 22.03 24.17
C ASN A 121 4.06 22.18 24.84
N GLY A 122 3.90 21.66 26.05
CA GLY A 122 2.67 21.76 26.82
C GLY A 122 1.90 20.48 27.01
N TRP A 123 2.24 19.43 26.25
CA TRP A 123 1.60 18.12 26.31
C TRP A 123 2.02 17.30 27.53
N MSE A 124 1.06 16.62 28.16
CA MSE A 124 1.24 15.74 29.30
C MSE A 124 0.52 14.44 29.06
O MSE A 124 -0.65 14.44 28.66
CB MSE A 124 0.80 16.40 30.61
CG MSE A 124 0.93 15.46 31.83
SE MSE A 124 0.18 16.15 33.50
CE MSE A 124 1.44 17.69 33.78
N ILE A 125 1.22 13.31 29.31
CA ILE A 125 0.69 11.96 29.12
C ILE A 125 0.77 11.18 30.43
N LYS A 126 -0.39 10.78 30.94
CA LYS A 126 -0.48 9.98 32.17
C LYS A 126 -0.97 8.59 31.81
N ILE A 127 -0.12 7.59 31.99
CA ILE A 127 -0.44 6.18 31.72
C ILE A 127 -0.65 5.49 33.07
N GLY A 128 -1.75 4.75 33.23
CA GLY A 128 -2.06 4.04 34.47
C GLY A 128 -0.94 3.14 34.95
N ARG A 129 -0.29 2.43 34.02
CA ARG A 129 0.82 1.52 34.33
C ARG A 129 2.21 2.18 34.11
N GLY A 130 2.24 3.49 33.82
CA GLY A 130 3.46 4.21 33.47
C GLY A 130 3.96 3.67 32.14
N LEU A 131 5.28 3.63 31.94
CA LEU A 131 5.86 3.03 30.71
C LEU A 131 5.72 1.48 30.67
N ASP A 132 5.49 0.84 31.83
CA ASP A 132 5.43 -0.60 32.04
C ASP A 132 4.05 -1.19 31.70
N TYR A 133 3.61 -1.03 30.45
CA TYR A 133 2.29 -1.53 30.04
C TYR A 133 2.29 -2.73 29.10
N PHE A 134 3.47 -3.25 28.76
CA PHE A 134 3.56 -4.41 27.88
C PHE A 134 3.52 -5.74 28.66
N LYS A 135 3.01 -6.79 27.99
CA LYS A 135 3.00 -8.12 28.54
C LYS A 135 4.33 -8.77 28.23
N LYS A 136 4.69 -9.84 28.97
CA LYS A 136 5.93 -10.57 28.71
C LYS A 136 5.81 -11.27 27.33
N PRO A 137 6.91 -11.43 26.56
CA PRO A 137 6.76 -12.10 25.26
C PRO A 137 6.38 -13.57 25.46
N GLN A 138 5.61 -14.14 24.52
CA GLN A 138 5.20 -15.54 24.55
C GLN A 138 6.43 -16.47 24.66
N SER A 139 7.55 -16.06 24.03
CA SER A 139 8.82 -16.79 24.06
C SER A 139 9.97 -15.84 23.85
N ARG A 140 11.21 -16.36 23.93
CA ARG A 140 12.46 -15.62 23.73
C ARG A 140 12.58 -15.08 22.29
N PHE A 141 11.97 -15.76 21.31
CA PHE A 141 12.08 -15.36 19.90
C PHE A 141 10.70 -15.11 19.25
N SER A 142 9.76 -14.54 20.03
CA SER A 142 8.42 -14.25 19.50
CA SER A 142 8.43 -14.24 19.50
C SER A 142 8.42 -12.86 18.84
N LEU A 143 7.58 -12.69 17.79
CA LEU A 143 7.46 -11.41 17.10
C LEU A 143 6.95 -10.42 18.14
N GLY A 144 7.58 -9.26 18.24
CA GLY A 144 7.21 -8.30 19.27
C GLY A 144 8.19 -8.29 20.41
N TYR A 145 9.19 -9.20 20.37
CA TYR A 145 10.25 -9.24 21.38
C TYR A 145 11.09 -7.96 21.24
N CYS A 146 11.36 -7.53 20.00
CA CYS A 146 12.17 -6.35 19.69
C CYS A 146 11.32 -5.19 19.15
N ASP A 147 10.30 -5.46 18.28
CA ASP A 147 9.44 -4.41 17.77
C ASP A 147 8.16 -4.37 18.60
N PHE A 148 8.11 -3.35 19.49
CA PHE A 148 7.05 -3.15 20.47
C PHE A 148 5.65 -2.86 19.92
N ASP A 149 5.55 -2.58 18.61
CA ASP A 149 4.27 -2.44 17.90
C ASP A 149 3.59 -3.80 17.72
N LEU A 150 4.38 -4.87 17.81
CA LEU A 150 3.88 -6.24 17.71
C LEU A 150 3.73 -6.88 19.11
N ARG A 151 4.12 -6.18 20.19
CA ARG A 151 4.02 -6.70 21.56
C ARG A 151 2.63 -6.51 22.16
N PRO A 152 1.95 -7.60 22.61
CA PRO A 152 0.64 -7.44 23.28
C PRO A 152 0.77 -6.65 24.58
N CYS A 153 -0.24 -5.84 24.89
CA CYS A 153 -0.30 -4.97 26.04
C CYS A 153 -1.21 -5.48 27.15
N HIS A 154 -0.95 -4.98 28.38
CA HIS A 154 -1.85 -5.15 29.53
C HIS A 154 -2.88 -4.06 29.33
N GLU A 155 -4.08 -4.27 29.84
CA GLU A 155 -5.13 -3.26 29.79
C GLU A 155 -4.72 -2.04 30.63
N THR A 156 -4.79 -0.85 30.02
CA THR A 156 -4.41 0.40 30.67
C THR A 156 -5.08 1.60 30.04
N THR A 157 -5.14 2.67 30.80
CA THR A 157 -5.70 3.95 30.39
C THR A 157 -4.58 4.94 30.19
N VAL A 158 -4.65 5.71 29.10
CA VAL A 158 -3.72 6.78 28.76
C VAL A 158 -4.53 8.08 28.76
N ASP A 159 -4.19 9.01 29.67
CA ASP A 159 -4.86 10.30 29.74
C ASP A 159 -3.93 11.35 29.20
N ILE A 160 -4.44 12.17 28.29
CA ILE A 160 -3.70 13.24 27.61
C ILE A 160 -4.19 14.57 28.17
N PHE A 161 -3.21 15.42 28.53
CA PHE A 161 -3.44 16.75 29.07
C PHE A 161 -2.59 17.76 28.32
N HIS A 162 -2.98 19.03 28.39
CA HIS A 162 -2.24 20.15 27.82
C HIS A 162 -2.32 21.31 28.80
N ASP A 163 -1.20 22.05 28.95
CA ASP A 163 -1.10 23.22 29.83
C ASP A 163 -1.93 24.44 29.37
N HIS B 5 15.60 6.24 -15.54
CA HIS B 5 16.54 7.16 -16.17
C HIS B 5 18.00 6.67 -16.14
N HIS B 6 18.27 5.45 -16.67
CA HIS B 6 19.62 4.85 -16.75
C HIS B 6 19.60 3.40 -17.22
N HIS B 7 19.33 2.48 -16.29
CA HIS B 7 19.34 1.05 -16.55
C HIS B 7 18.14 0.65 -17.42
N HIS B 8 18.39 -0.04 -18.53
CA HIS B 8 17.35 -0.57 -19.40
C HIS B 8 16.91 -1.90 -18.76
N MSE B 9 15.66 -1.96 -18.35
CA MSE B 9 15.11 -3.07 -17.57
C MSE B 9 14.38 -4.13 -18.33
O MSE B 9 14.44 -5.28 -17.94
CB MSE B 9 14.19 -2.52 -16.46
CG MSE B 9 14.88 -1.51 -15.56
SE MSE B 9 16.27 -2.34 -14.43
CE MSE B 9 17.79 -2.22 -15.45
N ASP B 10 13.61 -3.74 -19.37
CA ASP B 10 12.79 -4.66 -20.12
C ASP B 10 12.32 -4.01 -21.42
N GLN B 11 11.88 -4.86 -22.36
CA GLN B 11 11.29 -4.45 -23.62
C GLN B 11 10.06 -5.29 -23.84
N ILE B 12 8.91 -4.61 -23.91
CA ILE B 12 7.61 -5.22 -24.15
C ILE B 12 7.16 -4.89 -25.58
N LYS B 13 6.93 -5.93 -26.37
CA LYS B 13 6.44 -5.78 -27.72
C LYS B 13 4.92 -5.90 -27.73
N ILE B 14 4.23 -4.83 -28.15
CA ILE B 14 2.79 -4.87 -28.31
C ILE B 14 2.57 -5.19 -29.79
N GLU B 15 2.09 -6.42 -30.08
CA GLU B 15 1.84 -6.87 -31.45
C GLU B 15 0.59 -6.22 -32.04
N GLU B 16 0.50 -6.18 -33.35
CA GLU B 16 -0.65 -5.63 -34.08
C GLU B 16 -1.91 -6.44 -33.67
N ASN B 17 -2.97 -5.72 -33.25
CA ASN B 17 -4.26 -6.29 -32.84
C ASN B 17 -4.27 -6.99 -31.46
N ALA B 18 -3.15 -6.91 -30.71
CA ALA B 18 -3.05 -7.48 -29.38
C ALA B 18 -3.99 -6.74 -28.43
N THR B 19 -4.54 -7.46 -27.45
CA THR B 19 -5.42 -6.93 -26.40
C THR B 19 -4.76 -7.16 -25.03
N GLY B 20 -5.40 -6.66 -23.98
CA GLY B 20 -4.93 -6.78 -22.61
C GLY B 20 -3.96 -5.67 -22.26
N PHE B 21 -3.95 -4.58 -23.07
CA PHE B 21 -3.05 -3.44 -22.85
C PHE B 21 -3.67 -2.12 -22.38
N SER B 22 -4.63 -2.16 -21.43
CA SER B 22 -5.12 -0.90 -20.85
C SER B 22 -3.93 -0.33 -20.05
N TYR B 23 -3.94 0.97 -19.73
CA TYR B 23 -2.88 1.58 -18.94
C TYR B 23 -2.74 0.89 -17.59
N GLU B 24 -3.87 0.45 -16.99
CA GLU B 24 -3.87 -0.25 -15.72
C GLU B 24 -3.07 -1.53 -15.82
N SER B 25 -3.27 -2.31 -16.90
CA SER B 25 -2.50 -3.55 -17.14
C SER B 25 -1.01 -3.25 -17.44
N LEU B 26 -0.75 -2.30 -18.34
CA LEU B 26 0.60 -1.91 -18.76
C LEU B 26 1.46 -1.34 -17.65
N PHE B 27 0.93 -0.42 -16.84
CA PHE B 27 1.69 0.26 -15.78
C PHE B 27 1.73 -0.41 -14.40
N ARG B 28 0.92 -1.47 -14.19
CA ARG B 28 0.72 -2.26 -12.96
C ARG B 28 2.02 -2.56 -12.18
N GLU B 29 3.02 -3.18 -12.84
CA GLU B 29 4.31 -3.57 -12.23
C GLU B 29 5.17 -2.40 -11.72
N TYR B 30 4.95 -1.19 -12.24
CA TYR B 30 5.78 -0.02 -11.92
C TYR B 30 5.13 0.99 -11.04
N LEU B 31 3.84 0.85 -10.85
CA LEU B 31 3.05 1.77 -10.07
C LEU B 31 2.54 1.11 -8.81
N ASN B 32 2.87 1.71 -7.66
CA ASN B 32 2.42 1.21 -6.36
C ASN B 32 2.09 2.41 -5.45
N GLU B 33 1.69 2.13 -4.18
CA GLU B 33 1.32 3.13 -3.16
C GLU B 33 2.39 4.21 -2.87
N THR B 34 3.67 3.92 -3.16
CA THR B 34 4.81 4.82 -2.89
C THR B 34 4.96 5.98 -3.91
N VAL B 35 4.37 5.82 -5.12
CA VAL B 35 4.42 6.85 -6.17
C VAL B 35 3.57 8.07 -5.78
N THR B 36 4.18 9.27 -5.73
CA THR B 36 3.53 10.53 -5.33
C THR B 36 3.65 11.61 -6.41
N GLU B 37 4.56 11.42 -7.36
CA GLU B 37 4.82 12.35 -8.43
C GLU B 37 5.06 11.64 -9.76
N VAL B 38 4.46 12.15 -10.84
CA VAL B 38 4.53 11.58 -12.18
C VAL B 38 4.84 12.69 -13.22
N TRP B 39 5.73 12.37 -14.18
CA TRP B 39 6.07 13.22 -15.31
C TRP B 39 5.75 12.44 -16.58
N ILE B 40 5.11 13.12 -17.51
CA ILE B 40 4.81 12.56 -18.81
C ILE B 40 5.16 13.56 -19.88
N GLU B 41 5.95 13.10 -20.87
CA GLU B 41 6.34 13.83 -22.06
C GLU B 41 5.72 13.07 -23.22
N ASP B 42 4.83 13.74 -23.96
CA ASP B 42 4.16 13.14 -25.11
C ASP B 42 3.78 14.26 -26.05
N PRO B 43 4.33 14.32 -27.29
CA PRO B 43 3.94 15.44 -28.18
C PRO B 43 2.51 15.37 -28.74
N TYR B 44 1.84 14.22 -28.60
CA TYR B 44 0.48 14.06 -29.13
C TYR B 44 -0.66 13.90 -28.14
N ILE B 45 -0.94 14.92 -27.34
CA ILE B 45 -2.11 14.97 -26.46
C ILE B 45 -2.88 16.20 -27.02
N ARG B 46 -3.46 16.04 -28.21
CA ARG B 46 -4.12 17.11 -28.96
C ARG B 46 -5.60 16.85 -29.24
N HIS B 47 -5.91 15.69 -29.90
CA HIS B 47 -7.27 15.32 -30.29
C HIS B 47 -8.05 14.75 -29.11
N THR B 48 -9.38 14.74 -29.21
CA THR B 48 -10.32 14.20 -28.22
C THR B 48 -9.90 12.83 -27.68
N HIS B 49 -9.58 11.87 -28.58
CA HIS B 49 -9.19 10.53 -28.15
C HIS B 49 -7.87 10.50 -27.34
N GLN B 50 -6.93 11.40 -27.68
CA GLN B 50 -5.63 11.51 -27.03
C GLN B 50 -5.78 12.17 -25.68
N LEU B 51 -6.75 13.14 -25.54
CA LEU B 51 -7.09 13.78 -24.28
C LEU B 51 -7.77 12.77 -23.33
N TYR B 52 -8.67 11.92 -23.87
CA TYR B 52 -9.30 10.85 -23.10
C TYR B 52 -8.27 9.82 -22.66
N ASN B 53 -7.27 9.55 -23.49
CA ASN B 53 -6.17 8.66 -23.15
C ASN B 53 -5.45 9.22 -21.91
N PHE B 54 -5.10 10.52 -21.97
CA PHE B 54 -4.44 11.22 -20.87
C PHE B 54 -5.27 11.23 -19.59
N LEU B 55 -6.60 11.44 -19.70
CA LEU B 55 -7.58 11.38 -18.60
C LEU B 55 -7.58 9.98 -17.93
N ARG B 56 -7.65 8.90 -18.73
CA ARG B 56 -7.63 7.52 -18.22
C ARG B 56 -6.30 7.19 -17.53
N PHE B 57 -5.21 7.78 -18.03
CA PHE B 57 -3.89 7.63 -17.44
C PHE B 57 -3.89 8.31 -16.04
N CYS B 58 -4.50 9.50 -15.93
CA CYS B 58 -4.64 10.26 -14.67
C CYS B 58 -5.58 9.57 -13.70
N GLU B 59 -6.68 8.97 -14.19
CA GLU B 59 -7.64 8.22 -13.37
C GLU B 59 -6.93 7.08 -12.66
N MSE B 60 -6.08 6.32 -13.41
CA MSE B 60 -5.30 5.22 -12.87
C MSE B 60 -4.35 5.67 -11.73
O MSE B 60 -4.22 5.00 -10.70
CB MSE B 60 -4.53 4.53 -14.00
CG MSE B 60 -3.53 3.50 -13.51
SE MSE B 60 -2.23 3.16 -14.87
CE MSE B 60 -1.20 4.84 -14.84
N LEU B 61 -3.69 6.80 -11.94
CA LEU B 61 -2.76 7.37 -10.95
C LEU B 61 -3.44 7.85 -9.68
N ILE B 62 -4.67 8.33 -9.79
CA ILE B 62 -5.47 8.95 -8.71
C ILE B 62 -6.27 7.96 -7.88
N LYS B 63 -6.76 6.90 -8.52
CA LYS B 63 -7.58 5.89 -7.85
C LYS B 63 -6.89 5.13 -6.72
N CYS B 66 -3.07 3.93 -4.63
CA CYS B 66 -2.30 4.94 -5.34
C CYS B 66 -2.34 6.29 -4.62
N LYS B 67 -1.20 7.00 -4.52
CA LYS B 67 -1.10 8.26 -3.78
C LYS B 67 -0.43 9.43 -4.55
N VAL B 68 -0.74 9.54 -5.85
CA VAL B 68 -0.20 10.59 -6.72
C VAL B 68 -0.85 11.94 -6.44
N LYS B 69 -0.02 12.95 -6.16
CA LYS B 69 -0.49 14.28 -5.83
C LYS B 69 -0.05 15.33 -6.85
N THR B 70 0.98 15.02 -7.66
CA THR B 70 1.52 15.93 -8.69
C THR B 70 1.78 15.18 -9.99
N ILE B 71 1.22 15.71 -11.09
CA ILE B 71 1.38 15.20 -12.45
C ILE B 71 1.90 16.36 -13.31
N HIS B 72 2.97 16.12 -14.05
CA HIS B 72 3.52 17.12 -14.98
C HIS B 72 3.33 16.61 -16.40
N LEU B 73 2.67 17.40 -17.27
CA LEU B 73 2.53 17.04 -18.67
C LEU B 73 3.24 18.04 -19.56
N LEU B 74 4.17 17.53 -20.41
CA LEU B 74 4.86 18.29 -21.43
C LEU B 74 4.37 17.74 -22.78
N THR B 75 3.54 18.54 -23.48
CA THR B 75 2.96 18.20 -24.78
C THR B 75 3.20 19.31 -25.79
N SER B 76 2.67 19.16 -26.99
CA SER B 76 2.78 20.15 -28.05
C SER B 76 1.43 20.79 -28.30
N LEU B 77 1.42 22.09 -28.60
CA LEU B 77 0.17 22.74 -28.99
C LEU B 77 -0.09 22.36 -30.44
N ASP B 78 -1.36 22.06 -30.77
CA ASP B 78 -1.74 21.83 -32.15
C ASP B 78 -1.50 23.17 -32.92
N GLU B 79 -1.09 23.08 -34.18
CA GLU B 79 -0.76 24.20 -35.07
C GLU B 79 -1.98 25.08 -35.44
N GLY B 80 -3.14 24.48 -35.63
CA GLY B 80 -4.31 25.23 -36.05
C GLY B 80 -5.39 25.41 -35.02
N ILE B 81 -6.65 25.44 -35.50
CA ILE B 81 -7.88 25.65 -34.73
C ILE B 81 -8.11 24.64 -33.58
N GLU B 82 -7.72 23.36 -33.77
CA GLU B 82 -7.78 22.28 -32.77
C GLU B 82 -7.16 22.64 -31.40
N GLN B 83 -6.28 23.64 -31.36
CA GLN B 83 -5.59 24.14 -30.17
C GLN B 83 -6.58 24.69 -29.13
N VAL B 84 -7.68 25.30 -29.56
CA VAL B 84 -8.74 25.84 -28.68
C VAL B 84 -9.38 24.69 -27.88
N GLN B 85 -9.82 23.63 -28.58
CA GLN B 85 -10.43 22.43 -28.00
C GLN B 85 -9.42 21.65 -27.13
N GLN B 86 -8.15 21.62 -27.58
CA GLN B 86 -7.06 20.94 -26.89
C GLN B 86 -6.80 21.58 -25.53
N SER B 87 -6.63 22.90 -25.54
CA SER B 87 -6.39 23.78 -24.38
C SER B 87 -7.59 23.68 -23.42
N ARG B 88 -8.84 23.76 -23.94
CA ARG B 88 -10.05 23.64 -23.11
C ARG B 88 -10.14 22.27 -22.41
N GLY B 89 -9.88 21.18 -23.15
CA GLY B 89 -9.90 19.83 -22.61
C GLY B 89 -8.83 19.59 -21.55
N LEU B 90 -7.62 20.11 -21.77
CA LEU B 90 -6.51 20.01 -20.80
C LEU B 90 -6.79 20.79 -19.52
N GLN B 91 -7.47 21.93 -19.63
CA GLN B 91 -7.90 22.76 -18.49
C GLN B 91 -8.96 22.03 -17.67
N GLU B 92 -9.89 21.30 -18.34
CA GLU B 92 -10.93 20.51 -17.69
C GLU B 92 -10.31 19.38 -16.87
N ILE B 93 -9.31 18.68 -17.44
CA ILE B 93 -8.59 17.59 -16.75
C ILE B 93 -7.90 18.13 -15.48
N GLU B 94 -7.20 19.27 -15.63
CA GLU B 94 -6.52 19.98 -14.55
C GLU B 94 -7.47 20.39 -13.41
N GLU B 95 -8.66 20.92 -13.75
CA GLU B 95 -9.68 21.36 -12.77
C GLU B 95 -10.29 20.17 -12.03
N SER B 96 -10.55 19.06 -12.75
CA SER B 96 -11.10 17.84 -12.16
C SER B 96 -10.07 17.24 -11.18
N LEU B 97 -8.78 17.22 -11.57
CA LEU B 97 -7.69 16.76 -10.71
C LEU B 97 -7.55 17.65 -9.47
N ARG B 98 -7.63 18.96 -9.63
CA ARG B 98 -7.55 19.96 -8.56
C ARG B 98 -8.60 19.66 -7.47
N SER B 99 -9.83 19.39 -7.91
CA SER B 99 -10.96 18.99 -7.11
C SER B 99 -10.68 17.68 -6.31
N HIS B 100 -9.77 16.83 -6.80
CA HIS B 100 -9.31 15.60 -6.14
C HIS B 100 -8.04 15.79 -5.30
N GLY B 101 -7.60 17.05 -5.13
CA GLY B 101 -6.39 17.36 -4.37
C GLY B 101 -5.11 17.03 -5.11
N VAL B 102 -5.20 16.93 -6.44
CA VAL B 102 -4.07 16.61 -7.30
C VAL B 102 -3.69 17.80 -8.16
N LEU B 103 -2.40 18.14 -8.16
CA LEU B 103 -1.89 19.22 -8.98
C LEU B 103 -1.42 18.71 -10.36
N LEU B 104 -2.04 19.21 -11.43
CA LEU B 104 -1.60 18.91 -12.80
C LEU B 104 -0.95 20.17 -13.34
N GLU B 105 0.27 20.04 -13.84
CA GLU B 105 1.01 21.14 -14.43
C GLU B 105 1.23 20.81 -15.92
N VAL B 106 0.61 21.61 -16.80
CA VAL B 106 0.71 21.45 -18.25
C VAL B 106 1.66 22.49 -18.84
N GLN B 107 2.66 22.02 -19.59
CA GLN B 107 3.61 22.85 -20.30
C GLN B 107 3.60 22.44 -21.76
N TYR B 108 3.80 23.43 -22.64
CA TYR B 108 3.80 23.20 -24.08
C TYR B 108 5.13 23.49 -24.67
N SER B 109 5.54 22.65 -25.63
CA SER B 109 6.79 22.81 -26.38
C SER B 109 6.64 22.27 -27.81
N SER B 110 6.98 23.09 -28.81
CA SER B 110 6.93 22.74 -30.24
C SER B 110 8.20 21.96 -30.67
N SER B 111 9.19 21.88 -29.76
CA SER B 111 10.48 21.21 -29.99
C SER B 111 10.62 19.85 -29.31
N ILE B 112 9.51 19.25 -28.87
CA ILE B 112 9.56 17.92 -28.23
C ILE B 112 9.25 16.81 -29.21
N HIS B 113 10.00 15.69 -29.11
CA HIS B 113 9.84 14.55 -30.01
C HIS B 113 9.74 13.22 -29.25
N ASP B 114 10.42 13.14 -28.08
CA ASP B 114 10.45 11.95 -27.20
C ASP B 114 9.14 11.70 -26.46
N ARG B 115 8.86 10.42 -26.22
CA ARG B 115 7.72 9.91 -25.47
C ARG B 115 8.34 9.24 -24.25
N GLU B 116 8.04 9.78 -23.06
CA GLU B 116 8.62 9.30 -21.82
C GLU B 116 7.67 9.53 -20.63
N ILE B 117 7.47 8.46 -19.85
CA ILE B 117 6.68 8.46 -18.62
C ILE B 117 7.64 8.14 -17.48
N ARG B 118 7.63 8.97 -16.44
CA ARG B 118 8.53 8.84 -15.28
C ARG B 118 7.73 8.85 -13.99
N PHE B 119 7.99 7.86 -13.13
CA PHE B 119 7.37 7.78 -11.80
C PHE B 119 8.45 8.12 -10.78
N ASN B 120 8.07 8.77 -9.66
CA ASN B 120 8.88 9.19 -8.51
CA ASN B 120 9.05 9.16 -8.65
C ASN B 120 9.62 8.01 -7.80
N ASN B 121 9.26 6.75 -8.12
CA ASN B 121 9.85 5.56 -7.49
C ASN B 121 11.10 5.09 -8.30
N GLY B 122 11.39 5.76 -9.42
CA GLY B 122 12.56 5.50 -10.26
C GLY B 122 12.29 4.83 -11.59
N TRP B 123 11.06 4.33 -11.80
CA TRP B 123 10.65 3.68 -13.06
C TRP B 123 10.39 4.69 -14.18
N MSE B 124 10.83 4.35 -15.39
CA MSE B 124 10.64 5.13 -16.60
C MSE B 124 10.12 4.21 -17.73
O MSE B 124 10.66 3.12 -17.95
CB MSE B 124 11.91 5.86 -17.02
CG MSE B 124 11.74 6.64 -18.36
SE MSE B 124 13.38 7.44 -19.07
CE MSE B 124 13.62 8.80 -17.70
N ILE B 125 9.03 4.64 -18.39
CA ILE B 125 8.35 3.91 -19.47
C ILE B 125 8.37 4.72 -20.76
N LYS B 126 9.02 4.20 -21.79
CA LYS B 126 9.06 4.84 -23.11
C LYS B 126 8.28 4.00 -24.12
N ILE B 127 7.15 4.52 -24.61
CA ILE B 127 6.30 3.85 -25.62
C ILE B 127 6.53 4.54 -26.97
N GLY B 128 6.76 3.75 -28.02
CA GLY B 128 6.98 4.28 -29.37
C GLY B 128 5.89 5.22 -29.85
N ARG B 129 4.63 4.85 -29.60
CA ARG B 129 3.46 5.65 -29.99
C ARG B 129 2.93 6.55 -28.85
N GLY B 130 3.67 6.61 -27.72
CA GLY B 130 3.24 7.31 -26.51
C GLY B 130 2.01 6.62 -25.98
N LEU B 131 1.08 7.36 -25.39
CA LEU B 131 -0.18 6.78 -24.89
C LEU B 131 -1.16 6.39 -26.03
N ASP B 132 -0.96 6.94 -27.24
CA ASP B 132 -1.80 6.77 -28.41
C ASP B 132 -1.47 5.48 -29.20
N TYR B 133 -1.60 4.32 -28.54
CA TYR B 133 -1.28 3.04 -29.21
C TYR B 133 -2.49 2.16 -29.55
N PHE B 134 -3.71 2.61 -29.25
CA PHE B 134 -4.89 1.79 -29.56
C PHE B 134 -5.43 2.06 -30.98
N LYS B 135 -6.09 1.05 -31.52
CA LYS B 135 -6.78 1.13 -32.80
C LYS B 135 -8.17 1.68 -32.54
N LYS B 136 -8.87 2.16 -33.58
CA LYS B 136 -10.21 2.68 -33.41
C LYS B 136 -11.17 1.54 -33.05
N PRO B 137 -12.23 1.78 -32.24
CA PRO B 137 -13.22 0.71 -32.00
C PRO B 137 -13.95 0.35 -33.31
N GLN B 138 -14.39 -0.91 -33.47
CA GLN B 138 -15.09 -1.39 -34.67
C GLN B 138 -16.39 -0.63 -34.90
N SER B 139 -17.07 -0.26 -33.80
CA SER B 139 -18.34 0.50 -33.84
C SER B 139 -18.47 1.31 -32.56
N ARG B 140 -19.56 2.08 -32.45
CA ARG B 140 -19.93 2.93 -31.30
C ARG B 140 -20.18 2.09 -30.04
N PHE B 141 -20.67 0.85 -30.21
CA PHE B 141 -21.00 -0.03 -29.09
C PHE B 141 -20.27 -1.36 -29.14
N SER B 142 -19.01 -1.32 -29.53
CA SER B 142 -18.24 -2.54 -29.59
C SER B 142 -17.51 -2.77 -28.27
N LEU B 143 -17.27 -4.04 -27.91
CA LEU B 143 -16.56 -4.36 -26.66
C LEU B 143 -15.14 -3.79 -26.79
N GLY B 144 -14.70 -3.08 -25.78
CA GLY B 144 -13.39 -2.44 -25.86
C GLY B 144 -13.52 -0.97 -26.15
N TYR B 145 -14.75 -0.47 -26.33
CA TYR B 145 -15.03 0.96 -26.53
C TYR B 145 -14.71 1.67 -25.21
N CYS B 146 -15.10 1.03 -24.07
CA CYS B 146 -14.91 1.56 -22.72
C CYS B 146 -13.80 0.83 -21.95
N ASP B 147 -13.68 -0.49 -22.10
CA ASP B 147 -12.65 -1.25 -21.42
C ASP B 147 -11.52 -1.53 -22.41
N PHE B 148 -10.42 -0.76 -22.28
CA PHE B 148 -9.25 -0.81 -23.15
C PHE B 148 -8.45 -2.09 -23.15
N ASP B 149 -8.72 -2.99 -22.19
CA ASP B 149 -8.13 -4.34 -22.15
C ASP B 149 -8.72 -5.19 -23.29
N LEU B 150 -9.90 -4.79 -23.80
CA LEU B 150 -10.57 -5.46 -24.91
C LEU B 150 -10.34 -4.71 -26.24
N ARG B 151 -9.62 -3.58 -26.20
CA ARG B 151 -9.34 -2.79 -27.40
C ARG B 151 -8.10 -3.28 -28.16
N PRO B 152 -8.21 -3.63 -29.47
CA PRO B 152 -7.03 -4.02 -30.24
C PRO B 152 -6.03 -2.86 -30.36
N CYS B 153 -4.72 -3.19 -30.35
CA CYS B 153 -3.62 -2.23 -30.40
C CYS B 153 -2.94 -2.17 -31.75
N HIS B 154 -2.25 -1.02 -31.99
CA HIS B 154 -1.34 -0.84 -33.11
C HIS B 154 -0.05 -1.48 -32.61
N GLU B 155 0.78 -1.97 -33.52
CA GLU B 155 2.08 -2.53 -33.17
C GLU B 155 3.00 -1.43 -32.60
N THR B 156 3.57 -1.67 -31.42
CA THR B 156 4.43 -0.71 -30.73
C THR B 156 5.40 -1.38 -29.75
N THR B 157 6.50 -0.69 -29.46
CA THR B 157 7.50 -1.14 -28.50
C THR B 157 7.39 -0.29 -27.23
N VAL B 158 7.49 -0.96 -26.07
CA VAL B 158 7.49 -0.35 -24.75
C VAL B 158 8.85 -0.68 -24.11
N ASP B 159 9.65 0.36 -23.83
CA ASP B 159 10.95 0.20 -23.18
C ASP B 159 10.83 0.67 -21.75
N ILE B 160 11.29 -0.18 -20.82
CA ILE B 160 11.25 0.04 -19.37
C ILE B 160 12.67 0.34 -18.89
N PHE B 161 12.79 1.42 -18.11
CA PHE B 161 14.04 1.87 -17.52
C PHE B 161 13.85 2.13 -16.03
N HIS B 162 14.96 2.13 -15.27
CA HIS B 162 14.99 2.47 -13.85
C HIS B 162 16.22 3.34 -13.60
N ASP B 163 16.12 4.37 -12.75
CA ASP B 163 17.23 5.28 -12.42
C ASP B 163 18.35 4.61 -11.61
N HIS C 7 20.16 -7.65 -13.10
CA HIS C 7 20.66 -6.28 -13.25
C HIS C 7 21.20 -5.76 -11.92
N HIS C 8 22.45 -5.24 -11.92
CA HIS C 8 23.05 -4.61 -10.74
C HIS C 8 22.51 -3.17 -10.72
N MSE C 9 21.80 -2.80 -9.67
CA MSE C 9 21.09 -1.52 -9.56
C MSE C 9 21.79 -0.44 -8.81
O MSE C 9 21.68 0.71 -9.18
CB MSE C 9 19.69 -1.77 -8.95
CG MSE C 9 18.87 -2.79 -9.72
SE MSE C 9 18.37 -2.13 -11.46
CE MSE C 9 19.68 -2.67 -12.56
N ASP C 10 22.45 -0.80 -7.69
CA ASP C 10 23.07 0.17 -6.80
C ASP C 10 24.05 -0.52 -5.85
N GLN C 11 24.98 0.28 -5.29
CA GLN C 11 25.92 -0.16 -4.28
C GLN C 11 25.90 0.87 -3.16
N ILE C 12 25.54 0.38 -1.97
CA ILE C 12 25.47 1.18 -0.74
C ILE C 12 26.65 0.79 0.14
N LYS C 13 27.49 1.76 0.47
CA LYS C 13 28.63 1.53 1.33
C LYS C 13 28.25 1.91 2.76
N ILE C 14 28.29 0.93 3.67
CA ILE C 14 28.03 1.19 5.09
C ILE C 14 29.43 1.41 5.68
N GLU C 15 29.75 2.65 6.06
CA GLU C 15 31.05 3.00 6.64
C GLU C 15 31.17 2.50 8.07
N GLU C 16 32.40 2.33 8.54
CA GLU C 16 32.69 1.90 9.90
C GLU C 16 32.09 2.94 10.88
N ASN C 17 31.29 2.45 11.86
CA ASN C 17 30.64 3.26 12.91
C ASN C 17 29.47 4.12 12.43
N ALA C 18 29.03 3.93 11.17
CA ALA C 18 27.86 4.60 10.60
C ALA C 18 26.60 4.13 11.33
N THR C 19 25.63 5.04 11.48
CA THR C 19 24.32 4.79 12.08
C THR C 19 23.23 5.05 11.01
N GLY C 20 21.97 4.82 11.40
CA GLY C 20 20.80 4.98 10.53
C GLY C 20 20.57 3.75 9.67
N PHE C 21 21.14 2.59 10.05
CA PHE C 21 21.02 1.34 9.29
C PHE C 21 20.22 0.19 9.89
N SER C 22 19.07 0.48 10.50
CA SER C 22 18.20 -0.60 10.95
C SER C 22 17.67 -1.28 9.67
N TYR C 23 17.16 -2.51 9.75
CA TYR C 23 16.61 -3.20 8.57
C TYR C 23 15.48 -2.39 7.95
N GLU C 24 14.67 -1.72 8.78
CA GLU C 24 13.58 -0.89 8.32
C GLU C 24 14.10 0.22 7.41
N SER C 25 15.19 0.91 7.82
CA SER C 25 15.83 1.96 7.01
C SER C 25 16.48 1.39 5.74
N LEU C 26 17.24 0.31 5.87
CA LEU C 26 17.95 -0.33 4.76
C LEU C 26 17.03 -0.92 3.68
N PHE C 27 15.95 -1.63 4.07
CA PHE C 27 15.06 -2.29 3.13
C PHE C 27 13.86 -1.50 2.59
N ARG C 28 13.63 -0.30 3.15
CA ARG C 28 12.56 0.67 2.86
C ARG C 28 12.20 0.82 1.36
N GLU C 29 13.18 1.20 0.54
CA GLU C 29 13.03 1.42 -0.91
C GLU C 29 12.59 0.21 -1.74
N TYR C 30 12.82 -1.04 -1.23
CA TYR C 30 12.57 -2.26 -1.98
C TYR C 30 11.40 -3.05 -1.49
N LEU C 31 10.89 -2.67 -0.33
CA LEU C 31 9.78 -3.37 0.30
C LEU C 31 8.55 -2.53 0.30
N ASN C 32 7.46 -3.06 -0.28
CA ASN C 32 6.16 -2.38 -0.33
C ASN C 32 5.03 -3.41 -0.16
N GLU C 33 3.77 -2.94 -0.17
CA GLU C 33 2.54 -3.73 0.00
C GLU C 33 2.42 -4.93 -0.95
N THR C 34 3.06 -4.89 -2.14
CA THR C 34 3.00 -5.94 -3.15
C THR C 34 3.81 -7.20 -2.80
N VAL C 35 4.83 -7.08 -1.93
CA VAL C 35 5.69 -8.19 -1.51
C VAL C 35 4.91 -9.19 -0.65
N THR C 36 4.88 -10.46 -1.07
CA THR C 36 4.16 -11.52 -0.39
C THR C 36 5.07 -12.67 -0.01
N GLU C 37 6.22 -12.78 -0.69
CA GLU C 37 7.17 -13.86 -0.47
C GLU C 37 8.59 -13.34 -0.42
N VAL C 38 9.38 -13.86 0.54
CA VAL C 38 10.74 -13.46 0.79
C VAL C 38 11.65 -14.71 0.94
N TRP C 39 12.84 -14.64 0.35
CA TRP C 39 13.90 -15.65 0.44
C TRP C 39 15.12 -14.98 1.04
N ILE C 40 15.73 -15.63 2.02
CA ILE C 40 16.98 -15.18 2.63
C ILE C 40 17.98 -16.35 2.71
N GLU C 41 19.17 -16.12 2.15
CA GLU C 41 20.30 -17.03 2.20
C GLU C 41 21.34 -16.33 3.05
N ASP C 42 21.74 -16.94 4.16
CA ASP C 42 22.70 -16.36 5.09
C ASP C 42 23.32 -17.49 5.86
N PRO C 43 24.62 -17.80 5.69
CA PRO C 43 25.20 -18.92 6.46
C PRO C 43 25.28 -18.67 7.98
N TYR C 44 25.18 -17.42 8.44
CA TYR C 44 25.34 -17.10 9.87
C TYR C 44 24.12 -16.66 10.65
N ILE C 45 23.14 -17.56 10.82
CA ILE C 45 21.94 -17.38 11.65
C ILE C 45 22.06 -18.51 12.70
N ARG C 46 23.10 -18.37 13.55
CA ARG C 46 23.52 -19.36 14.54
C ARG C 46 23.45 -18.88 15.97
N HIS C 47 24.10 -17.73 16.26
CA HIS C 47 24.21 -17.17 17.62
C HIS C 47 23.02 -16.32 17.99
N THR C 48 22.76 -16.20 19.30
CA THR C 48 21.64 -15.43 19.88
C THR C 48 21.42 -14.10 19.14
N HIS C 49 22.48 -13.28 18.99
CA HIS C 49 22.37 -11.98 18.32
C HIS C 49 21.98 -12.13 16.83
N GLN C 50 22.48 -13.21 16.16
CA GLN C 50 22.13 -13.46 14.75
C GLN C 50 20.69 -13.91 14.61
N LEU C 51 20.18 -14.71 15.57
CA LEU C 51 18.78 -15.17 15.62
C LEU C 51 17.84 -13.97 15.87
N TYR C 52 18.24 -13.01 16.74
CA TYR C 52 17.51 -11.77 16.99
C TYR C 52 17.52 -10.87 15.79
N ASN C 53 18.62 -10.81 15.07
CA ASN C 53 18.73 -10.08 13.80
C ASN C 53 17.66 -10.63 12.82
N PHE C 54 17.59 -11.97 12.62
CA PHE C 54 16.61 -12.61 11.75
C PHE C 54 15.15 -12.34 12.19
N LEU C 55 14.89 -12.35 13.52
CA LEU C 55 13.59 -12.03 14.12
C LEU C 55 13.16 -10.59 13.79
N ARG C 56 14.06 -9.61 13.97
CA ARG C 56 13.80 -8.20 13.64
C ARG C 56 13.53 -8.00 12.14
N PHE C 57 14.15 -8.82 11.30
CA PHE C 57 13.94 -8.82 9.86
C PHE C 57 12.52 -9.35 9.56
N CYS C 58 12.10 -10.42 10.24
CA CYS C 58 10.76 -10.99 10.12
C CYS C 58 9.69 -10.05 10.66
N GLU C 59 9.97 -9.33 11.77
CA GLU C 59 9.06 -8.35 12.38
C GLU C 59 8.74 -7.25 11.36
N MSE C 60 9.80 -6.74 10.67
CA MSE C 60 9.67 -5.72 9.64
C MSE C 60 8.79 -6.19 8.46
O MSE C 60 7.98 -5.41 7.96
CB MSE C 60 11.06 -5.30 9.14
CG MSE C 60 11.02 -4.40 7.91
SE MSE C 60 12.67 -4.43 6.99
CE MSE C 60 12.68 -6.21 6.20
N LEU C 61 8.95 -7.44 8.03
CA LEU C 61 8.20 -8.00 6.89
C LEU C 61 6.72 -8.20 7.20
N ILE C 62 6.41 -8.50 8.48
CA ILE C 62 5.10 -8.85 8.98
C ILE C 62 4.24 -7.63 9.39
N LYS C 63 4.88 -6.59 9.91
CA LYS C 63 4.20 -5.38 10.37
C LYS C 63 3.49 -4.55 9.27
N CYS C 66 2.93 -4.10 4.88
CA CYS C 66 3.49 -5.22 4.10
C CYS C 66 2.71 -6.53 4.34
N LYS C 67 2.52 -7.30 3.26
CA LYS C 67 1.68 -8.51 3.22
C LYS C 67 2.44 -9.82 2.98
N VAL C 68 3.61 -9.99 3.65
CA VAL C 68 4.45 -11.18 3.54
C VAL C 68 3.80 -12.38 4.24
N LYS C 69 3.61 -13.44 3.47
CA LYS C 69 2.94 -14.67 3.87
C LYS C 69 3.91 -15.88 3.98
N THR C 70 5.00 -15.86 3.22
CA THR C 70 5.99 -16.93 3.15
C THR C 70 7.39 -16.37 3.19
N ILE C 71 8.20 -16.92 4.11
CA ILE C 71 9.61 -16.58 4.32
C ILE C 71 10.40 -17.87 4.22
N HIS C 72 11.45 -17.88 3.40
CA HIS C 72 12.32 -19.04 3.26
C HIS C 72 13.69 -18.64 3.80
N LEU C 73 14.23 -19.42 4.76
CA LEU C 73 15.57 -19.21 5.26
C LEU C 73 16.47 -20.38 4.93
N LEU C 74 17.59 -20.10 4.22
CA LEU C 74 18.64 -21.07 3.94
C LEU C 74 19.86 -20.62 4.75
N THR C 75 20.26 -21.45 5.74
CA THR C 75 21.38 -21.15 6.65
C THR C 75 22.27 -22.38 6.86
N SER C 76 23.30 -22.25 7.70
CA SER C 76 24.20 -23.36 8.02
C SER C 76 23.97 -23.75 9.45
N LEU C 77 24.00 -25.04 9.76
CA LEU C 77 23.92 -25.48 11.15
C LEU C 77 25.28 -25.21 11.79
N ASP C 78 25.28 -24.75 13.05
CA ASP C 78 26.55 -24.63 13.77
C ASP C 78 27.09 -26.08 13.92
N GLU C 79 28.43 -26.26 13.86
CA GLU C 79 29.07 -27.58 13.95
C GLU C 79 29.08 -28.16 15.37
N GLY C 80 29.07 -27.28 16.37
CA GLY C 80 29.10 -27.66 17.77
C GLY C 80 27.77 -27.64 18.50
N ILE C 81 27.84 -27.63 19.84
CA ILE C 81 26.72 -27.63 20.77
C ILE C 81 25.76 -26.43 20.57
N GLU C 82 26.25 -25.30 20.04
CA GLU C 82 25.46 -24.10 19.71
C GLU C 82 24.26 -24.37 18.77
N GLN C 83 24.29 -25.49 18.05
CA GLN C 83 23.26 -25.95 17.13
C GLN C 83 21.92 -26.20 17.88
N VAL C 84 21.96 -26.64 19.14
CA VAL C 84 20.79 -26.91 19.99
C VAL C 84 20.00 -25.59 20.18
N GLN C 85 20.69 -24.53 20.58
CA GLN C 85 20.14 -23.19 20.79
C GLN C 85 19.65 -22.54 19.48
N GLN C 86 20.40 -22.70 18.36
CA GLN C 86 20.05 -22.18 17.01
C GLN C 86 18.75 -22.88 16.52
N SER C 87 18.72 -24.23 16.59
CA SER C 87 17.55 -25.05 16.21
C SER C 87 16.31 -24.68 17.05
N ARG C 88 16.46 -24.58 18.38
CA ARG C 88 15.37 -24.19 19.29
C ARG C 88 14.86 -22.78 18.97
N GLY C 89 15.77 -21.81 18.82
CA GLY C 89 15.43 -20.43 18.49
C GLY C 89 14.75 -20.28 17.14
N LEU C 90 15.22 -21.03 16.11
CA LEU C 90 14.61 -21.00 14.78
C LEU C 90 13.20 -21.56 14.78
N GLN C 91 12.95 -22.60 15.60
CA GLN C 91 11.64 -23.22 15.80
C GLN C 91 10.67 -22.23 16.48
N GLU C 92 11.16 -21.46 17.46
CA GLU C 92 10.40 -20.44 18.17
C GLU C 92 9.96 -19.32 17.22
N ILE C 93 10.86 -18.86 16.35
CA ILE C 93 10.56 -17.84 15.33
C ILE C 93 9.46 -18.38 14.35
N GLU C 94 9.62 -19.63 13.89
CA GLU C 94 8.67 -20.31 13.01
C GLU C 94 7.27 -20.43 13.65
N GLU C 95 7.20 -20.77 14.95
CA GLU C 95 5.92 -20.92 15.69
C GLU C 95 5.22 -19.56 15.90
N SER C 96 6.02 -18.50 16.17
CA SER C 96 5.50 -17.16 16.35
C SER C 96 4.95 -16.66 15.00
N LEU C 97 5.65 -16.97 13.91
CA LEU C 97 5.26 -16.65 12.53
C LEU C 97 3.98 -17.38 12.15
N ARG C 98 3.88 -18.65 12.49
CA ARG C 98 2.72 -19.50 12.23
C ARG C 98 1.44 -18.87 12.85
N SER C 99 1.58 -18.40 14.12
CA SER C 99 0.54 -17.73 14.89
C SER C 99 0.08 -16.41 14.17
N HIS C 100 0.95 -15.81 13.34
CA HIS C 100 0.64 -14.61 12.56
C HIS C 100 0.17 -14.94 11.13
N GLY C 101 -0.04 -16.23 10.83
CA GLY C 101 -0.49 -16.69 9.52
C GLY C 101 0.62 -16.68 8.49
N VAL C 102 1.86 -16.69 8.98
CA VAL C 102 3.04 -16.65 8.12
C VAL C 102 3.79 -17.97 8.16
N LEU C 103 4.09 -18.49 6.96
CA LEU C 103 4.87 -19.71 6.84
C LEU C 103 6.38 -19.41 6.74
N LEU C 104 7.15 -19.94 7.70
CA LEU C 104 8.60 -19.86 7.68
C LEU C 104 9.12 -21.25 7.36
N GLU C 105 9.95 -21.33 6.31
CA GLU C 105 10.56 -22.56 5.88
C GLU C 105 12.07 -22.44 6.08
N VAL C 106 12.61 -23.26 6.98
CA VAL C 106 14.04 -23.27 7.29
C VAL C 106 14.72 -24.49 6.65
N GLN C 107 15.78 -24.24 5.89
CA GLN C 107 16.61 -25.27 5.27
C GLN C 107 18.05 -25.03 5.68
N TYR C 108 18.79 -26.10 5.89
CA TYR C 108 20.19 -26.04 6.30
C TYR C 108 21.07 -26.61 5.23
N SER C 109 22.23 -25.98 5.02
CA SER C 109 23.23 -26.43 4.04
C SER C 109 24.65 -26.10 4.55
N SER C 110 25.54 -27.09 4.55
CA SER C 110 26.93 -26.91 4.96
C SER C 110 27.79 -26.32 3.82
N SER C 111 27.22 -26.30 2.59
CA SER C 111 27.85 -25.84 1.36
C SER C 111 27.43 -24.45 0.88
N ILE C 112 26.68 -23.66 1.70
CA ILE C 112 26.28 -22.30 1.32
C ILE C 112 27.17 -21.18 1.87
N HIS C 113 27.57 -20.24 1.01
CA HIS C 113 28.50 -19.18 1.37
C HIS C 113 28.01 -17.79 1.06
N ASP C 114 27.12 -17.66 0.07
CA ASP C 114 26.52 -16.39 -0.37
C ASP C 114 25.50 -15.86 0.59
N ARG C 115 25.40 -14.53 0.64
CA ARG C 115 24.44 -13.76 1.43
C ARG C 115 23.54 -13.08 0.43
N GLU C 116 22.26 -13.43 0.42
CA GLU C 116 21.32 -12.91 -0.56
C GLU C 116 19.90 -12.85 0.01
N ILE C 117 19.26 -11.69 -0.11
CA ILE C 117 17.88 -11.46 0.29
C ILE C 117 17.10 -11.14 -1.00
N ARG C 118 16.00 -11.85 -1.21
CA ARG C 118 15.17 -11.74 -2.42
C ARG C 118 13.72 -11.48 -2.04
N PHE C 119 13.13 -10.45 -2.64
CA PHE C 119 11.71 -10.14 -2.49
C PHE C 119 11.01 -10.55 -3.78
N ASN C 120 9.74 -11.02 -3.67
CA ASN C 120 8.82 -11.43 -4.74
CA ASN C 120 9.00 -11.46 -4.86
C ASN C 120 8.53 -10.34 -5.81
N ASN C 121 8.91 -9.08 -5.54
CA ASN C 121 8.66 -7.95 -6.45
C ASN C 121 9.86 -7.78 -7.46
N GLY C 122 10.89 -8.60 -7.30
CA GLY C 122 12.05 -8.59 -8.20
C GLY C 122 13.34 -8.06 -7.62
N TRP C 123 13.28 -7.38 -6.46
CA TRP C 123 14.44 -6.82 -5.77
C TRP C 123 15.26 -7.87 -5.05
N MSE C 124 16.60 -7.74 -5.14
CA MSE C 124 17.58 -8.60 -4.50
C MSE C 124 18.63 -7.73 -3.80
O MSE C 124 19.13 -6.78 -4.38
CB MSE C 124 18.21 -9.58 -5.47
CG MSE C 124 19.30 -10.45 -4.84
SE MSE C 124 20.28 -11.54 -6.19
CE MSE C 124 18.84 -12.79 -6.68
N ILE C 125 18.91 -8.03 -2.53
CA ILE C 125 19.85 -7.29 -1.70
C ILE C 125 20.92 -8.27 -1.18
N LYS C 126 22.18 -8.00 -1.54
CA LYS C 126 23.34 -8.79 -1.10
C LYS C 126 24.22 -7.95 -0.18
N ILE C 127 24.26 -8.32 1.10
CA ILE C 127 25.08 -7.63 2.11
C ILE C 127 26.34 -8.49 2.37
N GLY C 128 27.53 -7.88 2.36
CA GLY C 128 28.78 -8.58 2.59
C GLY C 128 28.80 -9.37 3.89
N ARG C 129 28.29 -8.77 4.97
CA ARG C 129 28.21 -9.42 6.28
C ARG C 129 26.84 -10.10 6.56
N GLY C 130 25.98 -10.17 5.53
CA GLY C 130 24.60 -10.64 5.67
C GLY C 130 23.85 -9.69 6.60
N LEU C 131 22.92 -10.19 7.42
CA LEU C 131 22.20 -9.37 8.42
C LEU C 131 23.08 -8.92 9.61
N ASP C 132 24.20 -9.63 9.84
CA ASP C 132 25.12 -9.47 10.95
C ASP C 132 26.15 -8.36 10.70
N TYR C 133 25.68 -7.12 10.50
CA TYR C 133 26.58 -6.00 10.23
C TYR C 133 26.71 -4.96 11.35
N PHE C 134 26.06 -5.19 12.48
CA PHE C 134 26.16 -4.22 13.58
C PHE C 134 27.32 -4.54 14.53
N LYS C 135 27.84 -3.50 15.18
CA LYS C 135 28.89 -3.61 16.18
C LYS C 135 28.24 -3.87 17.49
N LYS C 136 29.02 -4.32 18.50
CA LYS C 136 28.44 -4.55 19.82
C LYS C 136 28.08 -3.18 20.46
N PRO C 137 27.01 -3.11 21.28
CA PRO C 137 26.68 -1.83 21.93
C PRO C 137 27.82 -1.38 22.87
N GLN C 138 28.00 -0.06 23.09
CA GLN C 138 29.06 0.48 23.97
C GLN C 138 28.91 -0.08 25.41
N SER C 139 27.67 -0.27 25.87
CA SER C 139 27.34 -0.82 27.17
C SER C 139 25.99 -1.54 27.10
N ARG C 140 25.59 -2.17 28.21
CA ARG C 140 24.33 -2.90 28.34
C ARG C 140 23.11 -1.97 28.16
N PHE C 141 23.23 -0.68 28.52
CA PHE C 141 22.13 0.28 28.47
C PHE C 141 22.47 1.51 27.63
N SER C 142 23.16 1.30 26.50
CA SER C 142 23.51 2.39 25.62
C SER C 142 22.41 2.60 24.56
N LEU C 143 22.21 3.84 24.12
CA LEU C 143 21.25 4.16 23.06
C LEU C 143 21.70 3.36 21.81
N GLY C 144 20.76 2.66 21.19
CA GLY C 144 21.13 1.80 20.06
C GLY C 144 21.17 0.34 20.44
N TYR C 145 21.00 0.04 21.74
CA TYR C 145 20.93 -1.33 22.22
C TYR C 145 19.66 -1.98 21.64
N CYS C 146 18.55 -1.21 21.61
CA CYS C 146 17.22 -1.64 21.12
C CYS C 146 16.87 -1.04 19.76
N ASP C 147 17.18 0.26 19.53
CA ASP C 147 16.88 0.91 18.25
C ASP C 147 18.14 0.91 17.41
N PHE C 148 18.16 0.01 16.40
CA PHE C 148 19.31 -0.23 15.50
C PHE C 148 19.72 0.91 14.60
N ASP C 149 18.87 1.93 14.48
CA ASP C 149 19.18 3.15 13.74
C ASP C 149 20.23 3.95 14.52
N LEU C 150 20.34 3.71 15.84
CA LEU C 150 21.33 4.33 16.71
C LEU C 150 22.55 3.42 16.97
N ARG C 151 22.53 2.20 16.44
CA ARG C 151 23.62 1.23 16.59
C ARG C 151 24.72 1.43 15.56
N PRO C 152 26.00 1.65 16.01
CA PRO C 152 27.11 1.76 15.04
C PRO C 152 27.32 0.45 14.28
N CYS C 153 27.70 0.57 13.01
CA CYS C 153 27.90 -0.56 12.11
C CYS C 153 29.36 -0.90 11.85
N HIS C 154 29.59 -2.16 11.42
CA HIS C 154 30.88 -2.60 10.90
C HIS C 154 30.85 -2.11 9.45
N GLU C 155 32.02 -1.88 8.85
CA GLU C 155 32.12 -1.49 7.46
C GLU C 155 31.65 -2.67 6.58
N THR C 156 30.70 -2.39 5.68
CA THR C 156 30.14 -3.40 4.79
C THR C 156 29.58 -2.81 3.51
N THR C 157 29.47 -3.64 2.50
CA THR C 157 28.93 -3.27 1.21
C THR C 157 27.55 -3.93 1.04
N VAL C 158 26.59 -3.17 0.52
CA VAL C 158 25.24 -3.63 0.20
C VAL C 158 25.07 -3.47 -1.32
N ASP C 159 24.87 -4.59 -2.02
CA ASP C 159 24.65 -4.60 -3.46
C ASP C 159 23.20 -4.87 -3.75
N ILE C 160 22.59 -4.03 -4.57
CA ILE C 160 21.17 -4.07 -4.94
C ILE C 160 21.07 -4.56 -6.38
N PHE C 161 20.20 -5.53 -6.60
CA PHE C 161 19.91 -6.14 -7.89
C PHE C 161 18.39 -6.19 -8.12
N HIS C 162 17.99 -6.31 -9.39
CA HIS C 162 16.60 -6.46 -9.81
C HIS C 162 16.57 -7.48 -10.94
N ASP C 163 15.56 -8.37 -10.96
CA ASP C 163 15.42 -9.41 -12.00
C ASP C 163 15.06 -8.85 -13.38
N HIS D 5 -32.21 -15.23 -5.58
CA HIS D 5 -33.34 -16.08 -5.99
C HIS D 5 -34.25 -16.45 -4.82
N HIS D 6 -33.70 -16.50 -3.58
CA HIS D 6 -34.37 -16.83 -2.32
C HIS D 6 -33.70 -15.99 -1.21
N HIS D 7 -32.80 -16.61 -0.39
CA HIS D 7 -32.05 -16.02 0.74
C HIS D 7 -31.58 -14.61 0.54
N HIS D 8 -32.03 -13.72 1.42
CA HIS D 8 -31.57 -12.35 1.39
C HIS D 8 -30.22 -12.35 2.10
N MSE D 9 -29.18 -12.05 1.36
CA MSE D 9 -27.80 -12.17 1.80
C MSE D 9 -27.18 -10.92 2.36
O MSE D 9 -26.36 -11.04 3.25
CB MSE D 9 -26.92 -12.69 0.65
CG MSE D 9 -27.39 -14.04 0.10
SE MSE D 9 -27.28 -15.55 1.39
CE MSE D 9 -25.29 -15.46 1.63
N ASP D 10 -27.49 -9.75 1.77
CA ASP D 10 -26.87 -8.49 2.17
C ASP D 10 -27.64 -7.33 1.59
N GLN D 11 -27.45 -6.15 2.19
CA GLN D 11 -27.99 -4.88 1.72
C GLN D 11 -26.87 -3.86 1.74
N ILE D 12 -26.54 -3.34 0.56
CA ILE D 12 -25.51 -2.34 0.33
C ILE D 12 -26.19 -0.99 0.04
N LYS D 13 -25.90 0.01 0.86
CA LYS D 13 -26.42 1.34 0.68
C LYS D 13 -25.41 2.17 -0.11
N ILE D 14 -25.81 2.64 -1.29
CA ILE D 14 -24.97 3.53 -2.07
C ILE D 14 -25.46 4.94 -1.70
N GLU D 15 -24.65 5.68 -0.94
CA GLU D 15 -25.00 7.04 -0.51
C GLU D 15 -24.88 8.03 -1.65
N GLU D 16 -25.56 9.18 -1.54
CA GLU D 16 -25.53 10.25 -2.53
C GLU D 16 -24.07 10.74 -2.65
N ASN D 17 -23.55 10.80 -3.90
CA ASN D 17 -22.19 11.25 -4.24
C ASN D 17 -21.07 10.29 -3.88
N ALA D 18 -21.42 9.06 -3.42
CA ALA D 18 -20.44 8.02 -3.11
C ALA D 18 -19.74 7.56 -4.39
N THR D 19 -18.48 7.18 -4.25
CA THR D 19 -17.63 6.67 -5.34
C THR D 19 -17.18 5.24 -4.99
N GLY D 20 -16.46 4.61 -5.90
CA GLY D 20 -15.96 3.25 -5.72
C GLY D 20 -16.99 2.21 -6.14
N PHE D 21 -18.02 2.62 -6.91
CA PHE D 21 -19.09 1.74 -7.36
C PHE D 21 -19.18 1.40 -8.87
N SER D 22 -18.00 1.18 -9.51
CA SER D 22 -18.04 0.68 -10.91
C SER D 22 -18.67 -0.73 -10.81
N TYR D 23 -19.18 -1.26 -11.91
CA TYR D 23 -19.76 -2.61 -11.94
C TYR D 23 -18.72 -3.64 -11.51
N GLU D 24 -17.43 -3.42 -11.88
CA GLU D 24 -16.35 -4.33 -11.51
C GLU D 24 -16.23 -4.41 -9.99
N SER D 25 -16.29 -3.26 -9.30
CA SER D 25 -16.24 -3.20 -7.82
C SER D 25 -17.50 -3.79 -7.18
N LEU D 26 -18.68 -3.40 -7.68
CA LEU D 26 -19.97 -3.85 -7.16
C LEU D 26 -20.22 -5.35 -7.30
N PHE D 27 -19.92 -5.93 -8.47
CA PHE D 27 -20.20 -7.35 -8.75
C PHE D 27 -19.12 -8.35 -8.39
N ARG D 28 -17.92 -7.86 -8.00
CA ARG D 28 -16.70 -8.61 -7.65
C ARG D 28 -16.91 -9.89 -6.82
N GLU D 29 -17.53 -9.76 -5.64
CA GLU D 29 -17.78 -10.86 -4.71
C GLU D 29 -18.70 -11.96 -5.24
N TYR D 30 -19.56 -11.62 -6.22
CA TYR D 30 -20.59 -12.54 -6.75
C TYR D 30 -20.21 -13.21 -8.07
N LEU D 31 -19.22 -12.65 -8.76
CA LEU D 31 -18.80 -13.08 -10.08
C LEU D 31 -17.43 -13.71 -10.02
N ASN D 32 -17.33 -14.96 -10.50
CA ASN D 32 -16.08 -15.69 -10.57
C ASN D 32 -16.03 -16.53 -11.87
N GLU D 33 -14.92 -17.28 -12.07
CA GLU D 33 -14.68 -18.13 -13.24
C GLU D 33 -15.80 -19.19 -13.54
N THR D 34 -16.60 -19.56 -12.52
CA THR D 34 -17.67 -20.56 -12.62
C THR D 34 -18.96 -20.05 -13.33
N VAL D 35 -19.15 -18.72 -13.39
CA VAL D 35 -20.31 -18.08 -14.04
C VAL D 35 -20.20 -18.20 -15.58
N THR D 36 -21.21 -18.82 -16.23
CA THR D 36 -21.25 -19.01 -17.70
C THR D 36 -22.50 -18.35 -18.33
N GLU D 37 -23.51 -18.04 -17.50
CA GLU D 37 -24.77 -17.48 -17.94
C GLU D 37 -25.26 -16.39 -17.02
N VAL D 38 -25.74 -15.29 -17.62
CA VAL D 38 -26.21 -14.11 -16.90
C VAL D 38 -27.59 -13.65 -17.47
N TRP D 39 -28.49 -13.25 -16.56
CA TRP D 39 -29.81 -12.69 -16.89
C TRP D 39 -29.87 -11.30 -16.26
N ILE D 40 -30.41 -10.34 -17.00
CA ILE D 40 -30.61 -8.98 -16.51
C ILE D 40 -31.94 -8.49 -16.96
N GLU D 41 -32.74 -8.05 -15.98
CA GLU D 41 -34.04 -7.43 -16.17
C GLU D 41 -33.87 -5.99 -15.72
N ASP D 42 -34.05 -5.06 -16.64
CA ASP D 42 -33.91 -3.64 -16.34
C ASP D 42 -34.78 -2.89 -17.33
N PRO D 43 -35.86 -2.20 -16.87
CA PRO D 43 -36.70 -1.45 -17.84
C PRO D 43 -36.00 -0.24 -18.51
N TYR D 44 -34.91 0.24 -17.91
CA TYR D 44 -34.26 1.44 -18.40
C TYR D 44 -32.91 1.28 -19.08
N ILE D 45 -32.88 0.57 -20.22
CA ILE D 45 -31.69 0.42 -21.08
C ILE D 45 -32.12 1.09 -22.41
N ARG D 46 -32.33 2.42 -22.34
CA ARG D 46 -32.89 3.24 -23.40
C ARG D 46 -31.98 4.32 -23.92
N HIS D 47 -31.54 5.26 -23.06
CA HIS D 47 -30.70 6.39 -23.43
C HIS D 47 -29.26 5.96 -23.69
N THR D 48 -28.50 6.79 -24.43
CA THR D 48 -27.08 6.56 -24.76
C THR D 48 -26.26 6.12 -23.52
N HIS D 49 -26.35 6.88 -22.40
CA HIS D 49 -25.61 6.56 -21.17
C HIS D 49 -26.02 5.19 -20.57
N GLN D 50 -27.31 4.84 -20.66
CA GLN D 50 -27.87 3.57 -20.18
C GLN D 50 -27.38 2.40 -21.06
N LEU D 51 -27.26 2.61 -22.40
CA LEU D 51 -26.72 1.64 -23.36
C LEU D 51 -25.22 1.39 -23.10
N TYR D 52 -24.46 2.47 -22.81
CA TYR D 52 -23.04 2.38 -22.45
C TYR D 52 -22.88 1.70 -21.10
N ASN D 53 -23.81 1.94 -20.16
CA ASN D 53 -23.81 1.25 -18.87
C ASN D 53 -23.87 -0.29 -19.11
N PHE D 54 -24.82 -0.72 -19.96
CA PHE D 54 -25.03 -2.13 -20.31
C PHE D 54 -23.80 -2.72 -21.03
N LEU D 55 -23.17 -1.94 -21.95
CA LEU D 55 -21.92 -2.33 -22.63
C LEU D 55 -20.77 -2.59 -21.62
N ARG D 56 -20.56 -1.68 -20.67
CA ARG D 56 -19.54 -1.81 -19.62
C ARG D 56 -19.82 -3.01 -18.71
N PHE D 57 -21.10 -3.31 -18.51
CA PHE D 57 -21.55 -4.45 -17.73
C PHE D 57 -21.20 -5.77 -18.47
N CYS D 58 -21.35 -5.78 -19.80
CA CYS D 58 -21.01 -6.89 -20.67
C CYS D 58 -19.51 -7.06 -20.78
N GLU D 59 -18.76 -5.94 -20.86
CA GLU D 59 -17.29 -5.94 -20.93
C GLU D 59 -16.71 -6.65 -19.72
N MSE D 60 -17.24 -6.34 -18.53
CA MSE D 60 -16.82 -6.95 -17.26
C MSE D 60 -17.06 -8.48 -17.24
O MSE D 60 -16.20 -9.23 -16.78
CB MSE D 60 -17.53 -6.27 -16.08
CG MSE D 60 -17.37 -7.01 -14.77
SE MSE D 60 -18.75 -6.56 -13.51
CE MSE D 60 -20.29 -7.50 -14.30
N LEU D 61 -18.24 -8.92 -17.71
CA LEU D 61 -18.63 -10.34 -17.78
C LEU D 61 -17.77 -11.15 -18.78
N ILE D 62 -17.28 -10.49 -19.85
CA ILE D 62 -16.52 -11.07 -20.98
C ILE D 62 -15.02 -11.15 -20.76
N LYS D 63 -14.46 -10.14 -20.12
CA LYS D 63 -13.03 -10.03 -19.87
C LYS D 63 -12.43 -11.16 -18.98
N CYS D 66 -12.89 -14.35 -16.55
CA CYS D 66 -14.34 -14.51 -16.75
C CYS D 66 -14.72 -15.46 -17.92
N LYS D 67 -15.84 -16.21 -17.75
CA LYS D 67 -16.26 -17.29 -18.66
C LYS D 67 -17.75 -17.23 -19.17
N VAL D 68 -18.35 -16.05 -19.12
CA VAL D 68 -19.72 -15.80 -19.57
C VAL D 68 -19.86 -15.96 -21.09
N LYS D 69 -20.76 -16.88 -21.51
CA LYS D 69 -21.00 -17.17 -22.92
C LYS D 69 -22.45 -16.83 -23.38
N THR D 70 -23.38 -16.64 -22.42
CA THR D 70 -24.78 -16.31 -22.68
C THR D 70 -25.26 -15.24 -21.72
N ILE D 71 -25.81 -14.17 -22.29
CA ILE D 71 -26.37 -13.02 -21.56
C ILE D 71 -27.80 -12.83 -22.07
N HIS D 72 -28.75 -12.70 -21.17
CA HIS D 72 -30.14 -12.43 -21.52
C HIS D 72 -30.53 -11.06 -20.98
N LEU D 73 -31.05 -10.17 -21.84
CA LEU D 73 -31.51 -8.87 -21.40
C LEU D 73 -33.00 -8.72 -21.68
N LEU D 74 -33.77 -8.40 -20.62
CA LEU D 74 -35.18 -8.08 -20.71
C LEU D 74 -35.31 -6.59 -20.32
N THR D 75 -35.68 -5.75 -21.30
CA THR D 75 -35.85 -4.30 -21.18
C THR D 75 -37.18 -3.79 -21.81
N SER D 76 -37.50 -2.49 -21.66
CA SER D 76 -38.69 -1.81 -22.20
C SER D 76 -38.24 -0.85 -23.27
N LEU D 77 -38.95 -0.83 -24.39
CA LEU D 77 -38.70 0.06 -25.52
C LEU D 77 -39.20 1.46 -25.13
N ASP D 78 -38.45 2.52 -25.53
CA ASP D 78 -38.78 3.93 -25.26
C ASP D 78 -40.05 4.35 -26.05
N GLU D 79 -40.87 5.24 -25.46
CA GLU D 79 -42.12 5.75 -26.03
C GLU D 79 -41.88 6.78 -27.18
N GLY D 80 -40.75 7.51 -27.09
CA GLY D 80 -40.36 8.56 -28.03
C GLY D 80 -39.37 8.16 -29.11
N ILE D 81 -38.73 9.16 -29.77
CA ILE D 81 -37.75 8.97 -30.87
C ILE D 81 -36.55 8.09 -30.47
N GLU D 82 -36.20 8.12 -29.18
CA GLU D 82 -35.11 7.37 -28.55
C GLU D 82 -35.13 5.84 -28.78
N GLN D 83 -36.33 5.26 -29.07
CA GLN D 83 -36.58 3.84 -29.31
C GLN D 83 -35.81 3.30 -30.51
N VAL D 84 -35.56 4.17 -31.51
CA VAL D 84 -34.82 3.84 -32.72
C VAL D 84 -33.37 3.51 -32.33
N GLN D 85 -32.71 4.47 -31.68
CA GLN D 85 -31.33 4.43 -31.21
C GLN D 85 -31.09 3.30 -30.20
N GLN D 86 -32.10 3.01 -29.36
CA GLN D 86 -32.08 1.97 -28.33
C GLN D 86 -31.97 0.58 -28.98
N SER D 87 -32.91 0.25 -29.88
CA SER D 87 -32.96 -1.03 -30.56
C SER D 87 -31.73 -1.22 -31.42
N ARG D 88 -31.29 -0.16 -32.09
CA ARG D 88 -30.10 -0.19 -32.95
C ARG D 88 -28.78 -0.38 -32.17
N GLY D 89 -28.64 0.35 -31.04
CA GLY D 89 -27.51 0.23 -30.13
C GLY D 89 -27.43 -1.14 -29.46
N LEU D 90 -28.58 -1.70 -29.06
CA LEU D 90 -28.64 -3.03 -28.47
C LEU D 90 -28.27 -4.15 -29.46
N GLN D 91 -28.60 -3.96 -30.76
CA GLN D 91 -28.23 -4.85 -31.85
C GLN D 91 -26.71 -4.81 -32.09
N GLU D 92 -26.11 -3.61 -31.99
CA GLU D 92 -24.66 -3.43 -32.12
C GLU D 92 -23.91 -4.15 -30.99
N ILE D 93 -24.40 -4.04 -29.74
CA ILE D 93 -23.80 -4.71 -28.58
C ILE D 93 -23.86 -6.24 -28.79
N GLU D 94 -25.02 -6.76 -29.24
CA GLU D 94 -25.24 -8.17 -29.56
C GLU D 94 -24.28 -8.69 -30.64
N GLU D 95 -24.06 -7.92 -31.72
CA GLU D 95 -23.15 -8.27 -32.82
C GLU D 95 -21.68 -8.28 -32.37
N SER D 96 -21.31 -7.30 -31.53
CA SER D 96 -19.95 -7.20 -30.98
C SER D 96 -19.69 -8.39 -30.02
N LEU D 97 -20.68 -8.76 -29.19
CA LEU D 97 -20.59 -9.92 -28.31
C LEU D 97 -20.47 -11.21 -29.12
N ARG D 98 -21.25 -11.33 -30.21
CA ARG D 98 -21.26 -12.49 -31.12
C ARG D 98 -19.83 -12.74 -31.65
N SER D 99 -19.17 -11.66 -32.07
CA SER D 99 -17.79 -11.61 -32.53
C SER D 99 -16.79 -12.11 -31.44
N HIS D 100 -17.17 -12.01 -30.15
CA HIS D 100 -16.37 -12.49 -29.00
C HIS D 100 -16.78 -13.89 -28.53
N GLY D 101 -17.66 -14.55 -29.30
CA GLY D 101 -18.15 -15.88 -28.97
C GLY D 101 -19.18 -15.89 -27.87
N VAL D 102 -19.82 -14.73 -27.64
CA VAL D 102 -20.84 -14.56 -26.62
C VAL D 102 -22.23 -14.33 -27.21
N LEU D 103 -23.22 -15.13 -26.77
CA LEU D 103 -24.59 -14.95 -27.22
C LEU D 103 -25.39 -13.99 -26.33
N LEU D 104 -25.87 -12.88 -26.88
CA LEU D 104 -26.72 -11.92 -26.17
C LEU D 104 -28.13 -12.07 -26.70
N GLU D 105 -29.11 -12.24 -25.82
CA GLU D 105 -30.49 -12.33 -26.23
C GLU D 105 -31.24 -11.13 -25.63
N VAL D 106 -31.77 -10.24 -26.49
CA VAL D 106 -32.52 -9.04 -26.06
C VAL D 106 -34.00 -9.23 -26.32
N GLN D 107 -34.80 -9.03 -25.27
CA GLN D 107 -36.24 -9.09 -25.33
C GLN D 107 -36.81 -7.81 -24.75
N TYR D 108 -37.93 -7.36 -25.33
CA TYR D 108 -38.60 -6.14 -24.91
C TYR D 108 -39.98 -6.44 -24.35
N SER D 109 -40.35 -5.75 -23.26
CA SER D 109 -41.64 -5.89 -22.59
C SER D 109 -42.05 -4.54 -21.98
N SER D 110 -43.28 -4.08 -22.30
CA SER D 110 -43.86 -2.82 -21.79
C SER D 110 -44.44 -3.01 -20.38
N SER D 111 -44.54 -4.27 -19.90
CA SER D 111 -45.09 -4.64 -18.60
C SER D 111 -44.06 -4.99 -17.53
N ILE D 112 -42.78 -4.65 -17.74
CA ILE D 112 -41.74 -4.93 -16.74
C ILE D 112 -41.46 -3.74 -15.85
N HIS D 113 -41.25 -3.99 -14.54
CA HIS D 113 -40.99 -2.93 -13.57
C HIS D 113 -39.77 -3.20 -12.69
N ASP D 114 -39.51 -4.50 -12.40
CA ASP D 114 -38.41 -4.97 -11.56
C ASP D 114 -37.04 -4.84 -12.20
N ARG D 115 -36.03 -4.62 -11.35
CA ARG D 115 -34.62 -4.51 -11.67
C ARG D 115 -33.96 -5.69 -10.98
N GLU D 116 -33.41 -6.64 -11.78
CA GLU D 116 -32.83 -7.86 -11.24
C GLU D 116 -31.71 -8.39 -12.15
N ILE D 117 -30.57 -8.71 -11.53
CA ILE D 117 -29.40 -9.29 -12.19
C ILE D 117 -29.19 -10.66 -11.55
N ARG D 118 -29.06 -11.69 -12.39
CA ARG D 118 -28.93 -13.08 -11.96
C ARG D 118 -27.73 -13.74 -12.61
N PHE D 119 -26.90 -14.38 -11.81
CA PHE D 119 -25.74 -15.14 -12.28
C PHE D 119 -26.06 -16.63 -12.11
N ASN D 120 -25.54 -17.47 -13.03
CA ASN D 120 -25.66 -18.94 -13.08
CA ASN D 120 -25.84 -18.91 -12.96
C ASN D 120 -25.11 -19.68 -11.83
N ASN D 121 -24.40 -18.97 -10.94
CA ASN D 121 -23.79 -19.54 -9.74
C ASN D 121 -24.77 -19.44 -8.53
N GLY D 122 -25.93 -18.80 -8.74
CA GLY D 122 -26.98 -18.65 -7.74
C GLY D 122 -27.16 -17.27 -7.15
N TRP D 123 -26.22 -16.35 -7.40
CA TRP D 123 -26.27 -14.97 -6.91
C TRP D 123 -27.26 -14.12 -7.71
N MSE D 124 -28.02 -13.26 -6.99
CA MSE D 124 -28.98 -12.32 -7.54
C MSE D 124 -28.75 -10.94 -6.90
O MSE D 124 -28.57 -10.83 -5.69
CB MSE D 124 -30.42 -12.80 -7.39
CG MSE D 124 -31.46 -11.78 -7.88
SE MSE D 124 -33.35 -12.26 -7.46
CE MSE D 124 -33.51 -13.81 -8.68
N ILE D 125 -28.69 -9.91 -7.73
CA ILE D 125 -28.41 -8.52 -7.32
C ILE D 125 -29.57 -7.66 -7.82
N LYS D 126 -30.28 -7.02 -6.87
CA LYS D 126 -31.38 -6.10 -7.18
C LYS D 126 -30.97 -4.68 -6.76
N ILE D 127 -30.82 -3.81 -7.75
CA ILE D 127 -30.45 -2.40 -7.53
C ILE D 127 -31.70 -1.55 -7.74
N GLY D 128 -32.00 -0.64 -6.79
CA GLY D 128 -33.17 0.23 -6.86
C GLY D 128 -33.28 0.99 -8.18
N ARG D 129 -32.15 1.53 -8.65
CA ARG D 129 -32.05 2.30 -9.90
C ARG D 129 -31.61 1.45 -11.11
N GLY D 130 -31.48 0.12 -10.91
CA GLY D 130 -30.94 -0.80 -11.92
C GLY D 130 -29.47 -0.45 -12.12
N LEU D 131 -28.93 -0.61 -13.35
CA LEU D 131 -27.54 -0.22 -13.69
C LEU D 131 -27.36 1.34 -13.69
N ASP D 132 -28.46 2.08 -13.89
CA ASP D 132 -28.49 3.53 -14.01
C ASP D 132 -28.42 4.26 -12.66
N TYR D 133 -27.33 4.03 -11.90
CA TYR D 133 -27.18 4.67 -10.60
C TYR D 133 -26.11 5.77 -10.52
N PHE D 134 -25.42 6.05 -11.64
CA PHE D 134 -24.41 7.11 -11.61
C PHE D 134 -24.99 8.49 -11.93
N LYS D 135 -24.32 9.53 -11.41
CA LYS D 135 -24.68 10.92 -11.70
C LYS D 135 -23.97 11.28 -13.01
N LYS D 136 -24.44 12.33 -13.70
CA LYS D 136 -23.81 12.75 -14.94
C LYS D 136 -22.42 13.33 -14.64
N PRO D 137 -21.42 13.18 -15.56
CA PRO D 137 -20.09 13.76 -15.26
C PRO D 137 -20.17 15.29 -15.18
N GLN D 138 -19.33 15.89 -14.32
CA GLN D 138 -19.26 17.34 -14.12
C GLN D 138 -18.88 18.08 -15.42
N SER D 139 -18.06 17.42 -16.26
CA SER D 139 -17.62 17.94 -17.56
C SER D 139 -17.26 16.79 -18.49
N ARG D 140 -16.91 17.10 -19.75
CA ARG D 140 -16.50 16.14 -20.77
C ARG D 140 -15.20 15.41 -20.39
N PHE D 141 -14.31 16.07 -19.62
CA PHE D 141 -13.03 15.49 -19.24
C PHE D 141 -12.82 15.43 -17.73
N SER D 142 -13.88 15.11 -16.99
CA SER D 142 -13.79 14.98 -15.55
CA SER D 142 -13.80 14.99 -15.54
C SER D 142 -13.37 13.56 -15.17
N LEU D 143 -12.62 13.42 -14.07
CA LEU D 143 -12.18 12.10 -13.59
C LEU D 143 -13.45 11.30 -13.29
N GLY D 144 -13.50 10.05 -13.76
CA GLY D 144 -14.71 9.28 -13.58
C GLY D 144 -15.59 9.28 -14.81
N TYR D 145 -15.16 10.00 -15.89
CA TYR D 145 -15.86 10.00 -17.18
C TYR D 145 -15.70 8.58 -17.79
N CYS D 146 -14.49 7.99 -17.63
CA CYS D 146 -14.11 6.68 -18.16
C CYS D 146 -13.96 5.65 -17.02
N ASP D 147 -13.37 6.04 -15.87
CA ASP D 147 -13.25 5.09 -14.73
C ASP D 147 -14.39 5.37 -13.75
N PHE D 148 -15.46 4.54 -13.85
CA PHE D 148 -16.66 4.70 -13.02
C PHE D 148 -16.49 4.55 -11.49
N ASP D 149 -15.31 4.06 -11.01
CA ASP D 149 -14.97 4.03 -9.57
C ASP D 149 -14.78 5.45 -9.06
N LEU D 150 -14.52 6.39 -9.97
CA LEU D 150 -14.35 7.80 -9.62
C LEU D 150 -15.63 8.60 -9.90
N ARG D 151 -16.67 7.95 -10.48
CA ARG D 151 -17.92 8.65 -10.78
C ARG D 151 -18.87 8.76 -9.56
N PRO D 152 -19.31 9.97 -9.14
CA PRO D 152 -20.27 10.08 -8.03
C PRO D 152 -21.60 9.42 -8.39
N CYS D 153 -22.24 8.79 -7.38
CA CYS D 153 -23.50 8.06 -7.52
C CYS D 153 -24.70 8.78 -6.99
N HIS D 154 -25.88 8.38 -7.50
CA HIS D 154 -27.17 8.79 -6.94
C HIS D 154 -27.37 7.83 -5.77
N GLU D 155 -28.13 8.24 -4.77
CA GLU D 155 -28.45 7.41 -3.62
C GLU D 155 -29.31 6.22 -4.07
N THR D 156 -28.90 5.01 -3.72
CA THR D 156 -29.60 3.78 -4.10
C THR D 156 -29.31 2.61 -3.15
N THR D 157 -30.20 1.64 -3.14
CA THR D 157 -30.06 0.43 -2.34
C THR D 157 -29.76 -0.74 -3.29
N VAL D 158 -28.81 -1.59 -2.87
CA VAL D 158 -28.41 -2.81 -3.57
C VAL D 158 -28.76 -3.98 -2.65
N ASP D 159 -29.68 -4.86 -3.09
CA ASP D 159 -30.04 -6.05 -2.34
C ASP D 159 -29.44 -7.25 -2.99
N ILE D 160 -28.74 -8.07 -2.19
CA ILE D 160 -28.07 -9.30 -2.62
C ILE D 160 -28.89 -10.52 -2.13
N PHE D 161 -29.21 -11.44 -3.06
CA PHE D 161 -29.97 -12.65 -2.81
C PHE D 161 -29.21 -13.86 -3.34
N HIS D 162 -29.50 -15.04 -2.78
CA HIS D 162 -28.91 -16.27 -3.23
C HIS D 162 -29.94 -17.39 -3.26
N ASP D 163 -29.84 -18.23 -4.33
CA ASP D 163 -30.52 -19.50 -4.69
C ASP D 163 -30.83 -20.30 -3.44
S DMS E . 23.15 -8.96 34.97
O DMS E . 22.24 -9.00 33.82
C1 DMS E . 23.24 -10.60 35.72
C2 DMS E . 22.42 -7.92 36.31
CL CL F . 8.72 0.86 22.37
CL CL G . 10.05 -6.55 27.80
CL CL H . -6.90 2.30 -20.53
CL CL I . -10.45 5.82 -28.30
CL CL J . 16.92 -3.62 12.89
CL CL K . 22.87 -7.13 19.04
CL CL L . 9.67 -1.22 -7.39
CL CL M . -18.62 0.64 -14.57
#